data_4QTS
#
_entry.id   4QTS
#
_cell.length_a   74.653
_cell.length_b   96.319
_cell.length_c   194.797
_cell.angle_alpha   90.00
_cell.angle_beta   90.00
_cell.angle_gamma   90.00
#
_symmetry.space_group_name_H-M   'P 21 21 21'
#
loop_
_entity.id
_entity.type
_entity.pdbx_description
1 polymer 'CRISPR type III-associated RAMP protein Csm4'
2 polymer 'CRISPR type III-associated RAMP protein Csm3'
3 non-polymer 'ZINC ION'
#
loop_
_entity_poly.entity_id
_entity_poly.type
_entity_poly.pdbx_seq_one_letter_code
_entity_poly.pdbx_strand_id
1 'polypeptide(L)'
;MKMVVLKPKINSKFHFGEGSLERNSKIFHSNSLFSAIVNNYIKLYGREDLEKNIEKIKNIRLSSLLYKIKNIYLIPKPEH
PEFYKLKGNPGIKPKDIKKIQFFSIKAYKELLDNELDWKNKIKHIVDYQTINKSIVISEKEIEEIKRIFGIKAEKLKHAK
ISLISKHLEQKVAIDRLKDITLEKDDKGQLYNIEFIKLNENVEFYFLIDYNNEDKEFIKKLEASIKLIEDEGLGGKRSIG
AGFFEKVEIVDLPEDFNEILDENSKYNNLEYKMLLGVGIPNKDDIKNIEYYKLIEIGGYIYSLECLTKPKRNILALTEGS
IVKNDFIGDVKDISPQNDDDEQNKNNENNNKLNHKVYTHGKPILLPFNPKRDNYGS
;
A,B
2 'polypeptide(L)'
;MGSSHHHHHHSSGLVPRGSHMENLTLKGKVILEGIIELETGMHIGGTKETLKIGGTDNPVIRDAFGRILIPGSSLKGKIR
ALLERKDGKYKEDGRGNYLPHDCGECEICKIFGPHDSKNIKEPVRVIVRDAYLQPEENKKDYDYLEIKVENTIDRLKGTT
IKGGIRNMERVVAGSKFKFEVVFNIYKESDKELIKKFIEGMKLLEDDYLGGSGSRGYGKIKFRDIKLICKPKEYYEGNEN
SKKESDEVESLNELESELDKIWGGINFN
;
C,D
#
loop_
_chem_comp.id
_chem_comp.type
_chem_comp.name
_chem_comp.formula
ZN non-polymer 'ZINC ION' 'Zn 2'
#
# COMPACT_ATOMS: atom_id res chain seq x y z
N MET A 1 6.51 6.92 33.47
CA MET A 1 6.72 6.57 32.07
C MET A 1 8.21 6.27 31.83
N LYS A 2 8.49 5.13 31.20
CA LYS A 2 9.88 4.73 30.95
C LYS A 2 10.16 4.57 29.45
N MET A 3 11.44 4.62 29.10
CA MET A 3 11.87 4.43 27.71
C MET A 3 12.58 3.09 27.51
N VAL A 4 12.20 2.38 26.46
CA VAL A 4 12.89 1.15 26.10
C VAL A 4 13.75 1.40 24.87
N VAL A 5 15.04 1.09 24.98
CA VAL A 5 15.98 1.30 23.90
C VAL A 5 16.50 -0.03 23.38
N LEU A 6 16.32 -0.27 22.08
CA LEU A 6 16.78 -1.51 21.46
C LEU A 6 17.92 -1.23 20.47
N LYS A 7 19.09 -1.77 20.79
CA LYS A 7 20.25 -1.65 19.91
C LYS A 7 20.39 -2.90 19.05
N PRO A 8 20.12 -2.76 17.75
CA PRO A 8 20.16 -3.88 16.80
C PRO A 8 21.54 -4.52 16.69
N LYS A 9 21.57 -5.82 16.38
CA LYS A 9 22.85 -6.52 16.26
C LYS A 9 23.52 -6.12 14.95
N ILE A 10 24.75 -6.56 14.74
CA ILE A 10 25.58 -6.00 13.68
C ILE A 10 25.08 -6.32 12.27
N ASN A 11 24.80 -7.59 12.01
CA ASN A 11 24.34 -7.99 10.67
C ASN A 11 22.86 -8.33 10.67
N SER A 12 22.13 -7.72 11.59
CA SER A 12 20.70 -7.98 11.72
C SER A 12 19.89 -7.22 10.67
N LYS A 13 18.76 -7.79 10.28
CA LYS A 13 17.83 -7.14 9.36
C LYS A 13 16.39 -7.42 9.77
N PHE A 14 15.53 -6.41 9.61
CA PHE A 14 14.18 -6.50 10.15
C PHE A 14 13.10 -6.53 9.08
N HIS A 15 11.97 -7.14 9.45
CA HIS A 15 10.82 -7.28 8.56
C HIS A 15 9.56 -6.83 9.26
N PHE A 16 8.98 -5.71 8.81
CA PHE A 16 7.79 -5.17 9.43
C PHE A 16 6.59 -5.23 8.49
N LYS A 26 5.93 3.68 6.51
CA LYS A 26 5.32 2.82 7.52
C LYS A 26 6.35 2.38 8.56
N ILE A 27 5.91 2.31 9.81
CA ILE A 27 6.79 1.89 10.90
C ILE A 27 6.18 0.72 11.67
N PHE A 28 6.94 0.16 12.60
CA PHE A 28 6.46 -0.96 13.41
C PHE A 28 5.49 -0.45 14.46
N HIS A 29 4.21 -0.75 14.27
CA HIS A 29 3.14 -0.21 15.10
C HIS A 29 3.11 -0.79 16.51
N SER A 30 2.58 -0.01 17.45
CA SER A 30 2.60 -0.33 18.88
C SER A 30 1.82 -1.60 19.24
N ASN A 31 0.83 -1.96 18.42
CA ASN A 31 0.08 -3.17 18.69
C ASN A 31 0.94 -4.42 18.48
N SER A 32 1.90 -4.33 17.56
CA SER A 32 2.83 -5.43 17.29
C SER A 32 3.83 -5.58 18.44
N LEU A 33 4.22 -4.44 19.00
CA LEU A 33 5.04 -4.41 20.20
C LEU A 33 4.30 -5.06 21.36
N PHE A 34 3.02 -4.71 21.51
CA PHE A 34 2.21 -5.30 22.56
C PHE A 34 2.10 -6.81 22.41
N SER A 35 1.88 -7.27 21.19
CA SER A 35 1.81 -8.70 20.95
C SER A 35 3.13 -9.37 21.26
N ALA A 36 4.24 -8.65 21.05
CA ALA A 36 5.57 -9.18 21.38
C ALA A 36 5.74 -9.33 22.90
N ILE A 37 5.41 -8.27 23.63
CA ILE A 37 5.53 -8.29 25.09
C ILE A 37 4.56 -9.27 25.73
N VAL A 38 3.53 -9.64 24.98
CA VAL A 38 2.54 -10.57 25.49
C VAL A 38 2.99 -12.00 25.23
N ASN A 39 3.56 -12.24 24.06
CA ASN A 39 4.07 -13.57 23.77
C ASN A 39 5.28 -13.88 24.64
N ASN A 40 5.97 -12.81 25.05
CA ASN A 40 7.11 -12.95 25.95
C ASN A 40 6.65 -13.17 27.38
N TYR A 41 5.57 -12.49 27.76
CA TYR A 41 4.96 -12.72 29.06
C TYR A 41 4.47 -14.16 29.19
N ILE A 42 3.77 -14.65 28.17
CA ILE A 42 3.32 -16.04 28.15
C ILE A 42 4.51 -16.99 28.16
N LYS A 43 5.57 -16.63 27.44
CA LYS A 43 6.75 -17.48 27.39
C LYS A 43 7.42 -17.59 28.76
N LEU A 44 7.45 -16.48 29.49
CA LEU A 44 8.13 -16.44 30.78
C LEU A 44 7.30 -16.97 31.95
N TYR A 45 5.98 -16.81 31.87
CA TYR A 45 5.14 -17.11 33.02
C TYR A 45 3.91 -17.97 32.72
N GLY A 46 3.81 -18.46 31.49
CA GLY A 46 2.74 -19.35 31.10
C GLY A 46 1.47 -18.65 30.65
N ARG A 47 0.58 -19.40 30.00
CA ARG A 47 -0.63 -18.83 29.41
C ARG A 47 -1.68 -18.51 30.46
N GLU A 48 -1.56 -19.15 31.62
CA GLU A 48 -2.53 -19.00 32.71
C GLU A 48 -2.33 -17.70 33.48
N ASP A 49 -1.07 -17.41 33.79
CA ASP A 49 -0.74 -16.24 34.60
C ASP A 49 -0.98 -14.95 33.83
N LEU A 50 -1.16 -15.06 32.52
CA LEU A 50 -1.43 -13.88 31.71
C LEU A 50 -2.88 -13.43 31.88
N GLU A 51 -3.81 -14.37 31.71
CA GLU A 51 -5.24 -14.05 31.81
C GLU A 51 -5.68 -13.86 33.26
N LYS A 52 -4.71 -13.82 34.16
CA LYS A 52 -4.95 -13.45 35.55
C LYS A 52 -4.48 -12.01 35.71
N ASN A 53 -3.88 -11.49 34.65
CA ASN A 53 -3.40 -10.11 34.63
C ASN A 53 -3.71 -9.39 33.33
N ILE A 54 -4.64 -9.93 32.54
CA ILE A 54 -4.92 -9.37 31.23
C ILE A 54 -5.49 -7.96 31.34
N GLU A 55 -6.23 -7.71 32.41
CA GLU A 55 -6.86 -6.42 32.61
C GLU A 55 -5.85 -5.37 33.06
N LYS A 56 -4.61 -5.80 33.23
CA LYS A 56 -3.58 -4.89 33.73
C LYS A 56 -2.40 -4.77 32.76
N ILE A 57 -2.35 -5.69 31.79
CA ILE A 57 -1.41 -5.58 30.69
C ILE A 57 -2.06 -4.86 29.52
N LYS A 58 -3.38 -4.97 29.43
CA LYS A 58 -4.13 -4.30 28.36
C LYS A 58 -4.35 -2.82 28.66
N ASN A 59 -3.93 -2.38 29.83
CA ASN A 59 -4.07 -0.98 30.19
C ASN A 59 -2.71 -0.28 30.31
N ILE A 60 -1.71 -0.85 29.65
CA ILE A 60 -0.43 -0.18 29.50
C ILE A 60 -0.50 0.73 28.27
N ARG A 61 0.35 1.76 28.25
CA ARG A 61 0.34 2.68 27.13
C ARG A 61 1.66 2.62 26.37
N LEU A 62 1.56 2.45 25.06
CA LEU A 62 2.72 2.23 24.21
C LEU A 62 2.84 3.26 23.10
N SER A 63 4.07 3.55 22.70
CA SER A 63 4.31 4.27 21.46
C SER A 63 4.76 3.24 20.45
N SER A 64 4.79 3.63 19.18
CA SER A 64 5.26 2.72 18.15
C SER A 64 6.79 2.64 18.18
N LEU A 65 7.36 1.80 17.33
CA LEU A 65 8.81 1.63 17.28
C LEU A 65 9.45 2.77 16.52
N LEU A 66 10.06 3.69 17.26
CA LEU A 66 10.66 4.89 16.69
C LEU A 66 12.19 4.79 16.57
N TYR A 67 12.80 5.84 16.03
CA TYR A 67 14.25 5.83 15.77
C TYR A 67 15.03 6.77 16.67
N LYS A 68 16.20 6.32 17.09
CA LYS A 68 17.07 7.09 17.97
C LYS A 68 18.47 7.20 17.39
N ILE A 69 18.97 8.42 17.29
CA ILE A 69 20.32 8.67 16.81
C ILE A 69 21.15 9.30 17.92
N LYS A 70 21.86 8.46 18.67
CA LYS A 70 22.63 8.89 19.84
C LYS A 70 21.71 9.57 20.86
N ASN A 71 21.71 10.90 20.88
CA ASN A 71 20.82 11.63 21.78
C ASN A 71 19.81 12.44 21.00
N ILE A 72 19.37 11.90 19.87
CA ILE A 72 18.34 12.51 19.05
C ILE A 72 17.19 11.51 18.89
N TYR A 73 16.01 11.92 19.32
CA TYR A 73 14.87 11.03 19.34
C TYR A 73 13.83 11.46 18.32
N LEU A 74 13.62 10.63 17.31
CA LEU A 74 12.66 10.94 16.26
C LEU A 74 11.22 10.63 16.68
N ILE A 75 10.32 11.55 16.34
CA ILE A 75 8.92 11.42 16.67
C ILE A 75 8.11 11.68 15.40
N PRO A 76 6.94 11.06 15.25
CA PRO A 76 6.19 11.26 14.01
C PRO A 76 5.77 12.72 13.82
N LYS A 77 5.57 13.12 12.57
CA LYS A 77 5.14 14.47 12.26
C LYS A 77 3.65 14.61 12.57
N PRO A 78 3.29 15.65 13.34
CA PRO A 78 1.90 15.92 13.68
C PRO A 78 1.03 16.15 12.45
N GLU A 79 -0.03 15.37 12.30
CA GLU A 79 -0.89 15.46 11.11
C GLU A 79 -1.83 16.68 11.19
N HIS A 80 -1.27 17.81 11.59
CA HIS A 80 -2.00 19.07 11.59
C HIS A 80 -1.77 19.79 10.27
N PRO A 81 -2.83 20.35 9.67
CA PRO A 81 -2.74 21.04 8.37
C PRO A 81 -1.76 22.21 8.35
N GLU A 82 -1.37 22.72 9.52
CA GLU A 82 -0.36 23.77 9.63
C GLU A 82 0.92 23.42 8.87
N PHE A 83 1.21 22.13 8.78
CA PHE A 83 2.44 21.65 8.15
C PHE A 83 2.26 21.33 6.67
N TYR A 84 1.42 22.11 5.99
CA TYR A 84 1.20 21.96 4.55
C TYR A 84 1.02 23.31 3.85
N PRO A 94 8.28 24.83 -2.06
CA PRO A 94 7.18 24.26 -2.85
C PRO A 94 6.43 23.17 -2.09
N LYS A 95 6.04 22.10 -2.80
CA LYS A 95 5.33 20.99 -2.20
C LYS A 95 6.29 19.89 -1.72
N ASP A 96 7.39 20.32 -1.11
CA ASP A 96 8.41 19.40 -0.62
C ASP A 96 8.11 18.96 0.82
N ILE A 97 7.18 19.65 1.46
CA ILE A 97 6.84 19.37 2.85
C ILE A 97 6.02 18.07 3.00
N LYS A 98 5.67 17.44 1.89
CA LYS A 98 4.96 16.16 1.95
C LYS A 98 5.93 15.00 2.10
N LYS A 99 7.22 15.29 2.12
CA LYS A 99 8.24 14.25 2.24
C LYS A 99 8.68 14.05 3.69
N ILE A 100 8.49 15.08 4.52
CA ILE A 100 8.93 14.99 5.91
C ILE A 100 7.96 14.14 6.72
N GLN A 101 8.50 13.35 7.64
CA GLN A 101 7.68 12.47 8.45
C GLN A 101 8.12 12.45 9.90
N PHE A 102 9.30 13.00 10.18
CA PHE A 102 9.82 12.98 11.55
C PHE A 102 10.25 14.34 12.04
N PHE A 103 10.17 14.49 13.36
CA PHE A 103 10.60 15.67 14.09
C PHE A 103 11.41 15.20 15.28
N SER A 104 12.63 15.70 15.44
CA SER A 104 13.40 15.39 16.64
C SER A 104 12.63 15.94 17.83
N ILE A 105 12.64 15.21 18.94
CA ILE A 105 11.84 15.58 20.11
C ILE A 105 12.22 16.98 20.60
N LYS A 106 13.48 17.36 20.39
CA LYS A 106 13.94 18.69 20.74
C LYS A 106 13.29 19.71 19.81
N ALA A 107 13.33 19.43 18.51
CA ALA A 107 12.72 20.28 17.51
C ALA A 107 11.21 20.36 17.72
N TYR A 108 10.61 19.25 18.12
CA TYR A 108 9.18 19.21 18.40
C TYR A 108 8.85 20.06 19.62
N LYS A 109 9.75 20.08 20.59
CA LYS A 109 9.56 20.87 21.80
C LYS A 109 9.71 22.35 21.47
N GLU A 110 10.60 22.66 20.54
CA GLU A 110 10.82 24.04 20.11
C GLU A 110 9.62 24.57 19.33
N LEU A 111 8.75 23.69 18.88
CA LEU A 111 7.52 24.10 18.20
C LEU A 111 6.46 24.48 19.22
N LEU A 112 6.70 24.12 20.48
CA LEU A 112 5.78 24.43 21.57
C LEU A 112 6.18 25.74 22.24
N ASP A 113 7.47 25.96 22.42
CA ASP A 113 7.98 27.15 23.08
C ASP A 113 8.25 28.27 22.07
N ASN A 114 7.82 28.04 20.83
CA ASN A 114 8.05 28.96 19.71
C ASN A 114 9.52 29.40 19.55
N GLU A 115 10.43 28.51 19.90
CA GLU A 115 11.85 28.72 19.65
C GLU A 115 12.20 28.28 18.23
N LEU A 116 11.21 27.72 17.55
CA LEU A 116 11.33 27.34 16.15
C LEU A 116 10.09 27.81 15.40
N ASP A 117 10.30 28.58 14.34
CA ASP A 117 9.17 29.21 13.65
C ASP A 117 8.86 28.52 12.33
N TRP A 118 7.84 27.68 12.34
CA TRP A 118 7.43 26.93 11.16
C TRP A 118 6.85 27.81 10.06
N LYS A 119 6.08 28.82 10.46
CA LYS A 119 5.30 29.61 9.51
C LYS A 119 6.16 30.44 8.56
N ASN A 120 6.99 31.31 9.13
CA ASN A 120 7.72 32.29 8.33
C ASN A 120 9.21 31.99 8.15
N LYS A 121 9.65 30.83 8.62
CA LYS A 121 11.06 30.47 8.54
C LYS A 121 11.26 29.07 7.97
N ILE A 122 10.35 28.63 7.11
CA ILE A 122 10.37 27.25 6.62
C ILE A 122 11.58 26.98 5.72
N LYS A 123 12.10 28.01 5.08
CA LYS A 123 13.21 27.83 4.14
C LYS A 123 14.51 27.53 4.90
N HIS A 124 14.68 28.16 6.04
CA HIS A 124 15.84 27.91 6.90
C HIS A 124 15.76 26.49 7.46
N ILE A 125 14.54 26.07 7.79
CA ILE A 125 14.32 24.72 8.32
C ILE A 125 14.57 23.65 7.26
N VAL A 126 14.12 23.92 6.03
CA VAL A 126 14.23 22.96 4.94
C VAL A 126 15.66 22.87 4.41
N ASP A 127 16.39 23.98 4.50
CA ASP A 127 17.73 24.05 3.92
C ASP A 127 18.81 23.66 4.93
N TYR A 128 18.70 24.13 6.17
CA TYR A 128 19.75 23.89 7.16
C TYR A 128 19.43 22.89 8.26
N GLN A 129 18.19 22.42 8.35
CA GLN A 129 17.79 21.63 9.52
C GLN A 129 17.04 20.33 9.20
N THR A 130 17.06 19.91 7.94
CA THR A 130 16.32 18.70 7.57
C THR A 130 17.24 17.61 7.04
N ILE A 131 17.08 16.40 7.58
CA ILE A 131 17.89 15.25 7.19
C ILE A 131 17.16 14.39 6.16
N ASN A 132 17.83 14.12 5.05
CA ASN A 132 17.28 13.32 3.94
C ASN A 132 15.89 13.78 3.51
N LYS A 133 15.64 15.08 3.61
CA LYS A 133 14.38 15.70 3.18
C LYS A 133 13.16 15.21 3.95
N SER A 134 13.39 14.39 4.98
CA SER A 134 12.29 13.72 5.68
C SER A 134 12.32 13.87 7.20
N ILE A 135 13.45 14.31 7.74
CA ILE A 135 13.58 14.43 9.19
C ILE A 135 14.00 15.84 9.62
N VAL A 136 13.11 16.53 10.33
CA VAL A 136 13.41 17.87 10.83
C VAL A 136 14.00 17.83 12.23
N ILE A 137 15.16 18.47 12.40
CA ILE A 137 15.82 18.53 13.69
C ILE A 137 16.02 19.97 14.13
N SER A 138 16.65 20.14 15.29
CA SER A 138 16.93 21.46 15.83
C SER A 138 18.31 21.94 15.37
N GLU A 139 18.55 23.25 15.46
CA GLU A 139 19.85 23.82 15.13
C GLU A 139 20.95 23.25 16.01
N LYS A 140 20.63 23.02 17.28
CA LYS A 140 21.61 22.56 18.25
C LYS A 140 22.01 21.09 18.06
N GLU A 141 21.40 20.42 17.09
CA GLU A 141 21.70 19.02 16.82
C GLU A 141 22.46 18.86 15.51
N ILE A 142 22.42 19.90 14.69
CA ILE A 142 23.07 19.92 13.38
C ILE A 142 24.54 19.54 13.43
N GLU A 143 25.29 20.21 14.31
CA GLU A 143 26.73 20.05 14.35
C GLU A 143 27.14 18.64 14.77
N GLU A 144 26.36 18.02 15.64
CA GLU A 144 26.69 16.67 16.08
C GLU A 144 26.22 15.64 15.05
N ILE A 145 25.16 15.96 14.32
CA ILE A 145 24.76 15.13 13.19
C ILE A 145 25.90 15.09 12.16
N LYS A 146 26.35 16.27 11.76
CA LYS A 146 27.48 16.41 10.85
C LYS A 146 28.74 15.74 11.39
N ARG A 147 28.87 15.75 12.71
CA ARG A 147 30.03 15.13 13.36
C ARG A 147 29.98 13.61 13.19
N ILE A 148 28.84 13.01 13.52
CA ILE A 148 28.66 11.57 13.45
C ILE A 148 28.89 10.99 12.05
N PHE A 149 28.22 11.57 11.05
CA PHE A 149 28.23 11.02 9.70
C PHE A 149 29.29 11.66 8.81
N GLY A 150 30.14 12.49 9.39
CA GLY A 150 31.24 13.10 8.66
C GLY A 150 30.78 13.98 7.51
N ILE A 151 29.81 14.84 7.78
CA ILE A 151 29.31 15.75 6.76
C ILE A 151 30.00 17.10 6.85
N LYS A 152 30.57 17.53 5.74
CA LYS A 152 31.32 18.78 5.70
C LYS A 152 30.50 19.87 5.00
N ALA A 153 29.48 19.46 4.25
CA ALA A 153 28.58 20.37 3.58
C ALA A 153 27.96 21.38 4.55
N GLU A 154 27.88 22.64 4.10
CA GLU A 154 27.39 23.72 4.95
C GLU A 154 25.88 23.59 5.16
N LYS A 155 25.22 23.01 4.16
CA LYS A 155 23.79 22.71 4.24
C LYS A 155 23.56 21.21 4.38
N LEU A 156 22.50 20.84 5.08
CA LEU A 156 22.16 19.43 5.25
C LEU A 156 21.32 19.00 4.07
N LYS A 157 20.85 19.99 3.31
CA LYS A 157 20.09 19.75 2.09
C LYS A 157 20.96 19.02 1.08
N HIS A 158 22.27 19.30 1.15
CA HIS A 158 23.22 18.74 0.19
C HIS A 158 23.92 17.52 0.78
N ALA A 159 23.21 16.75 1.61
CA ALA A 159 23.78 15.56 2.23
C ALA A 159 22.75 14.45 2.38
N LYS A 160 22.94 13.36 1.64
CA LYS A 160 22.06 12.21 1.79
C LYS A 160 22.71 11.21 2.74
N ILE A 161 22.11 11.04 3.91
CA ILE A 161 22.64 10.15 4.93
C ILE A 161 21.98 8.78 4.87
N SER A 162 22.79 7.73 4.85
CA SER A 162 22.26 6.37 4.84
C SER A 162 21.93 5.91 6.26
N LEU A 163 20.69 6.17 6.69
CA LEU A 163 20.24 5.79 8.02
C LEU A 163 19.64 4.39 8.02
N ILE A 164 18.89 4.09 6.97
CA ILE A 164 18.27 2.77 6.80
C ILE A 164 18.49 2.29 5.37
N SER A 165 18.49 0.97 5.18
CA SER A 165 18.61 0.39 3.86
C SER A 165 17.43 -0.54 3.62
N LYS A 166 16.60 -0.20 2.64
CA LYS A 166 15.41 -0.98 2.35
C LYS A 166 15.69 -1.92 1.19
N HIS A 167 14.98 -3.05 1.18
CA HIS A 167 15.04 -3.95 0.04
C HIS A 167 13.83 -4.87 -0.01
N LEU A 168 13.02 -4.72 -1.05
CA LEU A 168 11.88 -5.60 -1.27
C LEU A 168 12.36 -6.92 -1.86
N GLU A 169 11.73 -8.01 -1.47
CA GLU A 169 12.08 -9.32 -1.98
C GLU A 169 10.80 -10.07 -2.37
N GLN A 170 10.88 -10.87 -3.43
CA GLN A 170 9.72 -11.55 -3.98
C GLN A 170 9.63 -12.98 -3.45
N LYS A 171 8.90 -13.17 -2.35
CA LYS A 171 8.73 -14.50 -1.77
C LYS A 171 7.30 -15.02 -1.97
N VAL A 172 7.13 -16.34 -1.95
CA VAL A 172 5.81 -16.94 -2.13
C VAL A 172 5.27 -17.48 -0.80
N ALA A 173 3.96 -17.72 -0.73
CA ALA A 173 3.36 -18.24 0.49
C ALA A 173 2.75 -19.62 0.26
N ASP A 186 6.43 -24.99 -5.66
CA ASP A 186 6.04 -23.90 -4.78
C ASP A 186 4.97 -23.01 -5.42
N LYS A 187 3.72 -23.24 -5.05
CA LYS A 187 2.61 -22.42 -5.53
C LYS A 187 1.96 -21.66 -4.37
N GLY A 188 0.93 -20.88 -4.69
CA GLY A 188 0.28 -20.04 -3.70
C GLY A 188 0.39 -18.59 -4.11
N GLN A 189 0.27 -17.68 -3.13
CA GLN A 189 0.29 -16.26 -3.43
C GLN A 189 1.71 -15.69 -3.42
N LEU A 190 2.05 -15.01 -4.52
CA LEU A 190 3.28 -14.24 -4.61
C LEU A 190 3.12 -12.95 -3.81
N TYR A 191 4.17 -12.55 -3.10
CA TYR A 191 4.12 -11.29 -2.36
C TYR A 191 5.51 -10.75 -2.05
N ASN A 192 5.56 -9.46 -1.76
CA ASN A 192 6.82 -8.80 -1.47
C ASN A 192 7.01 -8.56 0.02
N ILE A 193 8.24 -8.74 0.48
CA ILE A 193 8.59 -8.44 1.86
C ILE A 193 9.74 -7.44 1.90
N GLU A 194 9.55 -6.36 2.65
CA GLU A 194 10.56 -5.30 2.71
C GLU A 194 11.48 -5.50 3.91
N PHE A 195 12.78 -5.63 3.62
CA PHE A 195 13.78 -5.78 4.66
C PHE A 195 14.46 -4.44 4.95
N ILE A 196 14.60 -4.13 6.23
CA ILE A 196 15.20 -2.88 6.67
C ILE A 196 16.51 -3.14 7.42
N LYS A 197 17.55 -2.40 7.07
CA LYS A 197 18.83 -2.50 7.76
C LYS A 197 19.20 -1.17 8.39
N LEU A 198 19.56 -1.17 9.67
CA LEU A 198 19.86 0.07 10.38
C LEU A 198 21.34 0.44 10.35
N ASN A 199 21.61 1.73 10.27
CA ASN A 199 22.98 2.24 10.38
C ASN A 199 23.52 2.02 11.79
N GLU A 200 24.84 1.87 11.92
CA GLU A 200 25.46 1.59 13.21
C GLU A 200 25.19 2.67 14.26
N ASN A 201 24.80 3.86 13.82
CA ASN A 201 24.53 4.96 14.72
C ASN A 201 23.05 5.09 15.04
N VAL A 202 22.24 4.27 14.36
CA VAL A 202 20.80 4.29 14.52
C VAL A 202 20.33 3.13 15.38
N GLU A 203 19.42 3.42 16.31
CA GLU A 203 18.83 2.42 17.18
C GLU A 203 17.31 2.53 17.20
N PHE A 204 16.65 1.51 17.70
CA PHE A 204 15.21 1.58 17.90
C PHE A 204 14.90 2.05 19.31
N TYR A 205 13.73 2.66 19.50
CA TYR A 205 13.27 2.94 20.85
C TYR A 205 11.76 3.12 20.90
N PHE A 206 11.17 2.84 22.04
CA PHE A 206 9.75 3.11 22.22
C PHE A 206 9.43 3.41 23.67
N LEU A 207 8.39 4.23 23.87
CA LEU A 207 8.00 4.63 25.21
C LEU A 207 6.95 3.68 25.76
N ILE A 208 7.04 3.41 27.05
CA ILE A 208 6.12 2.50 27.71
C ILE A 208 5.60 3.15 28.98
N ASP A 209 4.28 3.09 29.18
CA ASP A 209 3.66 3.57 30.39
C ASP A 209 2.88 2.42 31.01
N TYR A 210 3.40 1.87 32.10
CA TYR A 210 2.81 0.70 32.74
C TYR A 210 1.42 1.01 33.26
N ASN A 211 1.19 2.28 33.62
CA ASN A 211 -0.05 2.72 34.23
C ASN A 211 -0.41 1.85 35.43
N ASN A 212 0.57 1.67 36.32
CA ASN A 212 0.47 0.78 37.46
C ASN A 212 1.72 0.91 38.32
N GLU A 213 1.73 0.24 39.47
CA GLU A 213 2.87 0.33 40.39
C GLU A 213 3.15 -0.99 41.13
N ASP A 214 2.43 -2.03 40.75
CA ASP A 214 2.67 -3.37 41.29
C ASP A 214 4.06 -3.85 40.86
N LYS A 215 5.00 -3.82 41.79
CA LYS A 215 6.39 -4.20 41.51
C LYS A 215 6.50 -5.62 40.97
N GLU A 216 5.68 -6.52 41.52
CA GLU A 216 5.67 -7.91 41.11
C GLU A 216 5.15 -8.05 39.68
N PHE A 217 4.51 -7.01 39.18
CA PHE A 217 3.98 -6.98 37.82
C PHE A 217 4.92 -6.18 36.92
N ILE A 218 5.38 -5.04 37.42
CA ILE A 218 6.35 -4.21 36.72
C ILE A 218 7.59 -5.03 36.34
N LYS A 219 8.08 -5.85 37.26
CA LYS A 219 9.29 -6.61 36.98
C LYS A 219 9.06 -7.67 35.89
N LYS A 220 7.81 -8.11 35.75
CA LYS A 220 7.50 -9.13 34.75
C LYS A 220 7.19 -8.49 33.40
N LEU A 221 6.73 -7.25 33.41
CA LEU A 221 6.60 -6.49 32.19
C LEU A 221 7.98 -6.14 31.65
N GLU A 222 8.86 -5.68 32.53
CA GLU A 222 10.21 -5.34 32.12
C GLU A 222 11.00 -6.59 31.75
N ALA A 223 10.61 -7.73 32.30
CA ALA A 223 11.23 -8.99 31.90
C ALA A 223 10.76 -9.37 30.50
N SER A 224 9.45 -9.22 30.26
CA SER A 224 8.88 -9.51 28.95
C SER A 224 9.46 -8.60 27.86
N ILE A 225 9.71 -7.35 28.23
CA ILE A 225 10.31 -6.39 27.32
C ILE A 225 11.76 -6.77 27.06
N LYS A 226 12.46 -7.15 28.12
CA LYS A 226 13.88 -7.48 28.02
C LYS A 226 14.15 -8.77 27.25
N LEU A 227 13.17 -9.68 27.23
CA LEU A 227 13.32 -10.94 26.51
C LEU A 227 13.42 -10.73 24.98
N ILE A 228 12.93 -9.58 24.52
CA ILE A 228 12.99 -9.22 23.10
C ILE A 228 14.43 -9.29 22.58
N GLU A 229 15.37 -8.94 23.45
CA GLU A 229 16.80 -9.02 23.21
C GLU A 229 17.22 -10.28 22.46
N ASP A 230 16.67 -11.41 22.86
CA ASP A 230 16.97 -12.67 22.21
C ASP A 230 15.78 -13.17 21.39
N GLU A 231 14.63 -12.53 21.57
CA GLU A 231 13.42 -12.92 20.84
C GLU A 231 13.31 -12.25 19.48
N GLY A 232 13.40 -10.92 19.45
CA GLY A 232 13.40 -10.20 18.20
C GLY A 232 12.08 -9.53 17.87
N LEU A 233 12.03 -8.90 16.70
CA LEU A 233 10.84 -8.18 16.25
C LEU A 233 10.56 -8.44 14.77
N GLY A 234 9.30 -8.67 14.45
CA GLY A 234 8.88 -8.86 13.07
C GLY A 234 8.84 -10.31 12.64
N GLY A 235 8.24 -10.56 11.48
CA GLY A 235 8.14 -11.91 10.95
C GLY A 235 7.16 -12.79 11.69
N ALA A 241 13.22 -13.27 11.94
CA ALA A 241 13.11 -12.20 12.93
C ALA A 241 14.44 -11.46 13.09
N GLY A 242 14.36 -10.18 13.46
CA GLY A 242 15.53 -9.36 13.65
C GLY A 242 15.87 -9.26 15.12
N PHE A 243 17.11 -9.62 15.47
CA PHE A 243 17.50 -9.71 16.88
C PHE A 243 18.38 -8.55 17.30
N PHE A 244 18.54 -8.39 18.60
CA PHE A 244 19.25 -7.24 19.15
C PHE A 244 20.45 -7.65 19.99
N GLU A 245 21.33 -6.69 20.26
CA GLU A 245 22.50 -6.96 21.09
C GLU A 245 22.23 -6.52 22.52
N LYS A 246 21.42 -5.47 22.68
CA LYS A 246 21.02 -5.01 23.99
C LYS A 246 19.65 -4.32 23.97
N VAL A 247 18.76 -4.79 24.84
CA VAL A 247 17.48 -4.14 25.06
C VAL A 247 17.46 -3.62 26.49
N GLU A 248 17.50 -2.29 26.64
CA GLU A 248 17.64 -1.70 27.97
C GLU A 248 16.48 -0.77 28.30
N ILE A 249 15.97 -0.90 29.52
CA ILE A 249 14.90 -0.03 29.98
C ILE A 249 15.48 1.07 30.88
N VAL A 250 15.30 2.32 30.45
CA VAL A 250 15.86 3.46 31.16
C VAL A 250 14.79 4.52 31.38
N ASP A 251 15.17 5.60 32.05
CA ASP A 251 14.24 6.71 32.27
C ASP A 251 14.21 7.62 31.06
N LEU A 252 13.07 8.30 30.87
CA LEU A 252 12.90 9.24 29.78
C LEU A 252 14.01 10.29 29.74
N PRO A 253 14.51 10.60 28.54
CA PRO A 253 15.43 11.72 28.39
C PRO A 253 14.77 13.02 28.81
N GLU A 254 15.56 14.06 29.04
CA GLU A 254 15.08 15.23 29.75
C GLU A 254 14.12 16.09 28.92
N ASP A 255 14.16 15.94 27.60
CA ASP A 255 13.18 16.63 26.76
C ASP A 255 11.81 15.97 26.94
N PHE A 256 11.80 14.64 26.75
CA PHE A 256 10.60 13.85 26.93
C PHE A 256 10.02 14.01 28.32
N ASN A 257 10.89 14.11 29.32
CA ASN A 257 10.44 14.21 30.70
C ASN A 257 9.96 15.62 31.04
N GLU A 258 10.62 16.62 30.47
CA GLU A 258 10.20 18.01 30.69
C GLU A 258 8.90 18.30 29.94
N ILE A 259 8.56 17.44 28.99
CA ILE A 259 7.32 17.62 28.22
C ILE A 259 6.17 16.79 28.82
N LEU A 260 6.47 15.57 29.22
CA LEU A 260 5.45 14.63 29.67
C LEU A 260 5.16 14.68 31.17
N ASP A 261 5.87 15.53 31.90
CA ASP A 261 5.62 15.68 33.33
C ASP A 261 4.31 16.43 33.53
N GLU A 262 3.39 15.84 34.28
CA GLU A 262 2.06 16.41 34.47
C GLU A 262 2.06 17.63 35.38
N ASN A 263 3.21 17.91 35.98
CA ASN A 263 3.34 19.08 36.86
C ASN A 263 4.10 20.19 36.14
N SER A 264 3.84 20.33 34.84
CA SER A 264 4.50 21.34 34.02
C SER A 264 3.49 22.10 33.17
N LYS A 265 3.97 23.11 32.46
CA LYS A 265 3.14 23.92 31.57
C LYS A 265 2.35 23.07 30.57
N TYR A 266 3.07 22.31 29.75
CA TYR A 266 2.49 21.54 28.64
C TYR A 266 1.27 20.71 29.03
N ASN A 267 1.14 20.39 30.32
CA ASN A 267 -0.02 19.68 30.83
C ASN A 267 -1.35 20.33 30.45
N ASN A 268 -1.39 21.64 30.36
CA ASN A 268 -2.66 22.34 30.07
C ASN A 268 -2.90 22.55 28.57
N LEU A 269 -1.92 22.19 27.74
CA LEU A 269 -2.08 22.28 26.30
C LEU A 269 -3.31 21.51 25.85
N GLU A 270 -4.08 22.10 24.93
CA GLU A 270 -5.41 21.61 24.64
C GLU A 270 -5.46 20.47 23.63
N TYR A 271 -4.36 20.24 22.90
CA TYR A 271 -4.37 19.12 21.96
C TYR A 271 -3.26 18.14 22.33
N LYS A 272 -3.26 16.98 21.68
CA LYS A 272 -2.29 15.93 21.96
C LYS A 272 -2.06 15.07 20.72
N MET A 273 -0.84 14.58 20.57
CA MET A 273 -0.45 13.81 19.39
C MET A 273 -0.11 12.37 19.75
N LEU A 274 -0.70 11.44 19.01
CA LEU A 274 -0.48 10.01 19.21
C LEU A 274 0.96 9.62 18.85
N LEU A 275 1.56 8.78 19.69
CA LEU A 275 2.89 8.25 19.40
C LEU A 275 2.80 6.77 19.07
N GLY A 276 1.57 6.26 19.09
CA GLY A 276 1.29 4.89 18.70
C GLY A 276 -0.02 4.87 17.95
N VAL A 277 -0.46 3.69 17.54
CA VAL A 277 -1.77 3.57 16.90
C VAL A 277 -2.89 3.74 17.93
N GLY A 278 -4.00 4.32 17.50
CA GLY A 278 -5.13 4.56 18.39
C GLY A 278 -6.40 3.89 17.92
N ILE A 279 -6.94 3.01 18.75
CA ILE A 279 -8.23 2.37 18.50
C ILE A 279 -9.28 2.96 19.44
N PRO A 280 -10.14 3.84 18.92
CA PRO A 280 -11.04 4.65 19.73
C PRO A 280 -12.20 3.87 20.34
N ASN A 281 -12.61 4.26 21.54
CA ASN A 281 -13.88 3.81 22.11
C ASN A 281 -14.98 4.78 21.70
N LYS A 282 -16.22 4.41 21.97
CA LYS A 282 -17.37 5.22 21.57
C LYS A 282 -17.35 6.66 22.12
N ASP A 283 -16.51 6.93 23.10
CA ASP A 283 -16.46 8.24 23.75
C ASP A 283 -15.37 9.18 23.22
N ASP A 284 -14.25 8.63 22.76
CA ASP A 284 -13.14 9.45 22.26
C ASP A 284 -13.35 9.97 20.85
N ILE A 285 -14.40 9.48 20.18
CA ILE A 285 -14.65 9.84 18.79
C ILE A 285 -14.96 11.35 18.68
N LYS A 286 -15.41 11.94 19.78
CA LYS A 286 -15.74 13.35 19.80
C LYS A 286 -14.52 14.22 20.09
N ASN A 287 -13.37 13.59 20.32
CA ASN A 287 -12.14 14.30 20.62
C ASN A 287 -11.14 14.30 19.46
N ILE A 288 -11.48 13.58 18.40
CA ILE A 288 -10.61 13.44 17.24
C ILE A 288 -10.73 14.61 16.27
N GLU A 289 -9.62 15.33 16.06
CA GLU A 289 -9.61 16.45 15.12
C GLU A 289 -9.00 16.05 13.77
N TYR A 290 -7.68 16.15 13.67
CA TYR A 290 -6.97 15.75 12.46
C TYR A 290 -6.30 14.40 12.64
N TYR A 291 -6.52 13.48 11.70
CA TYR A 291 -6.01 12.12 11.86
C TYR A 291 -5.78 11.40 10.54
N LYS A 292 -5.26 10.18 10.63
CA LYS A 292 -5.05 9.34 9.46
C LYS A 292 -5.39 7.89 9.80
N LEU A 293 -6.00 7.18 8.86
CA LEU A 293 -6.48 5.84 9.16
C LEU A 293 -5.63 4.72 8.57
N ILE A 294 -5.45 3.67 9.35
CA ILE A 294 -4.84 2.44 8.86
C ILE A 294 -5.63 1.24 9.37
N GLU A 295 -5.54 0.14 8.63
CA GLU A 295 -6.24 -1.08 8.98
C GLU A 295 -5.30 -2.14 9.56
N ILE A 296 -5.54 -2.50 10.81
CA ILE A 296 -4.84 -3.58 11.48
C ILE A 296 -5.67 -4.83 11.28
N GLY A 297 -5.09 -6.00 11.46
CA GLY A 297 -5.82 -7.23 11.22
C GLY A 297 -5.01 -8.50 11.29
N GLY A 298 -5.39 -9.47 10.45
CA GLY A 298 -4.84 -10.80 10.56
C GLY A 298 -4.09 -11.36 9.37
N TYR A 299 -3.71 -12.62 9.53
CA TYR A 299 -3.00 -13.37 8.51
C TYR A 299 -4.03 -14.02 7.59
N ILE A 300 -3.62 -14.34 6.37
CA ILE A 300 -4.51 -15.06 5.48
C ILE A 300 -4.14 -16.53 5.60
N TYR A 301 -4.59 -17.13 6.69
CA TYR A 301 -4.13 -18.43 7.16
C TYR A 301 -4.28 -19.55 6.13
N SER A 302 -5.08 -19.31 5.09
CA SER A 302 -5.27 -20.30 4.05
C SER A 302 -5.79 -19.66 2.76
N LEU A 303 -6.22 -20.49 1.83
CA LEU A 303 -6.95 -20.04 0.65
C LEU A 303 -8.42 -20.39 0.84
N GLU A 304 -8.67 -21.27 1.81
CA GLU A 304 -10.02 -21.60 2.26
C GLU A 304 -10.82 -20.35 2.63
N CYS A 305 -10.11 -19.33 3.12
CA CYS A 305 -10.75 -18.12 3.61
C CYS A 305 -10.78 -17.01 2.56
N LEU A 306 -10.60 -17.39 1.30
CA LEU A 306 -10.71 -16.43 0.20
C LEU A 306 -12.17 -16.28 -0.22
N THR A 307 -13.05 -16.97 0.51
CA THR A 307 -14.48 -16.92 0.28
C THR A 307 -15.13 -16.20 1.46
N LYS A 308 -14.42 -16.20 2.58
CA LYS A 308 -14.92 -15.57 3.81
C LYS A 308 -14.36 -14.16 3.95
N PRO A 309 -15.22 -13.21 4.33
CA PRO A 309 -14.87 -11.78 4.41
C PRO A 309 -13.70 -11.51 5.35
N LYS A 310 -13.12 -10.32 5.21
CA LYS A 310 -11.94 -9.92 5.98
C LYS A 310 -12.26 -8.79 6.95
N ARG A 311 -12.62 -9.15 8.18
CA ARG A 311 -12.90 -8.13 9.20
C ARG A 311 -11.60 -7.48 9.66
N ASN A 312 -11.55 -6.15 9.59
CA ASN A 312 -10.35 -5.41 9.96
C ASN A 312 -10.61 -4.39 11.06
N ILE A 313 -9.57 -4.03 11.79
CA ILE A 313 -9.68 -3.06 12.88
C ILE A 313 -9.09 -1.72 12.48
N LEU A 314 -9.92 -0.68 12.48
CA LEU A 314 -9.46 0.64 12.07
C LEU A 314 -8.73 1.33 13.20
N ALA A 315 -7.66 2.06 12.87
CA ALA A 315 -6.88 2.76 13.88
C ALA A 315 -6.32 4.07 13.35
N LEU A 316 -6.10 5.02 14.26
CA LEU A 316 -5.52 6.30 13.91
C LEU A 316 -4.00 6.20 13.91
N THR A 317 -3.38 6.63 12.81
CA THR A 317 -1.93 6.54 12.70
C THR A 317 -1.22 7.44 13.71
N GLU A 318 0.05 7.14 13.95
CA GLU A 318 0.90 7.96 14.79
C GLU A 318 1.01 9.37 14.22
N GLY A 319 0.81 10.37 15.07
CA GLY A 319 0.87 11.75 14.61
C GLY A 319 -0.49 12.40 14.50
N SER A 320 -1.54 11.63 14.71
CA SER A 320 -2.90 12.17 14.70
C SER A 320 -3.10 13.09 15.89
N ILE A 321 -3.86 14.16 15.70
CA ILE A 321 -4.12 15.11 16.78
C ILE A 321 -5.51 14.91 17.37
N VAL A 322 -5.58 14.80 18.69
CA VAL A 322 -6.85 14.69 19.39
C VAL A 322 -6.95 15.74 20.49
N LYS A 323 -8.16 16.24 20.71
CA LYS A 323 -8.39 17.24 21.75
C LYS A 323 -8.66 16.53 23.07
N ASN A 324 -8.42 17.24 24.18
CA ASN A 324 -8.71 16.74 25.52
C ASN A 324 -7.85 15.53 25.90
N ASP A 325 -8.32 14.33 25.53
CA ASP A 325 -7.65 13.10 25.94
C ASP A 325 -8.15 11.89 25.16
N PHE A 326 -7.23 11.07 24.68
CA PHE A 326 -7.55 9.83 23.98
C PHE A 326 -7.29 8.62 24.87
N ILE A 327 -8.32 7.82 25.14
CA ILE A 327 -8.19 6.67 26.02
C ILE A 327 -7.72 5.42 25.29
N GLY A 328 -8.45 5.04 24.25
CA GLY A 328 -8.08 3.88 23.45
C GLY A 328 -8.82 2.62 23.84
N ASP A 329 -8.43 1.50 23.23
CA ASP A 329 -9.09 0.22 23.47
C ASP A 329 -8.19 -0.94 23.06
N VAL A 330 -8.56 -2.16 23.43
CA VAL A 330 -7.80 -3.35 23.08
C VAL A 330 -8.73 -4.44 22.55
N LYS A 331 -8.89 -4.51 21.23
CA LYS A 331 -9.80 -5.46 20.61
C LYS A 331 -9.36 -6.92 20.83
N ASP A 332 -10.24 -7.85 20.47
CA ASP A 332 -9.92 -9.28 20.58
C ASP A 332 -10.46 -10.07 19.39
N VAL A 356 -5.96 -13.72 20.81
CA VAL A 356 -5.25 -12.70 20.04
C VAL A 356 -5.73 -11.30 20.43
N TYR A 357 -4.80 -10.46 20.87
CA TYR A 357 -5.13 -9.11 21.31
C TYR A 357 -4.67 -8.06 20.28
N THR A 358 -5.35 -6.91 20.28
CA THR A 358 -4.98 -5.82 19.37
C THR A 358 -4.94 -4.50 20.14
N HIS A 359 -3.76 -4.15 20.65
CA HIS A 359 -3.61 -2.99 21.53
C HIS A 359 -3.77 -1.66 20.78
N GLY A 360 -4.59 -0.78 21.32
CA GLY A 360 -4.85 0.50 20.70
C GLY A 360 -4.85 1.67 21.66
N LYS A 361 -4.13 1.56 22.78
CA LYS A 361 -3.96 2.66 23.71
C LYS A 361 -2.59 3.30 23.56
N PRO A 362 -2.50 4.36 22.74
CA PRO A 362 -1.23 5.00 22.42
C PRO A 362 -0.81 6.08 23.41
N ILE A 363 0.49 6.13 23.70
CA ILE A 363 1.05 7.22 24.48
C ILE A 363 0.84 8.55 23.79
N LEU A 364 0.17 9.47 24.47
CA LEU A 364 -0.11 10.79 23.91
C LEU A 364 0.98 11.78 24.27
N LEU A 365 1.15 12.79 23.43
CA LEU A 365 2.19 13.78 23.62
C LEU A 365 1.63 15.17 23.40
N PRO A 366 1.62 16.00 24.46
CA PRO A 366 0.95 17.31 24.46
C PRO A 366 1.30 18.17 23.24
N PHE A 367 0.27 18.68 22.58
CA PHE A 367 0.42 19.42 21.34
C PHE A 367 -0.42 20.71 21.33
N ASN A 368 0.21 21.75 20.81
CA ASN A 368 -0.41 23.05 20.60
C ASN A 368 -0.26 23.52 19.16
N PRO A 369 -1.37 23.92 18.53
CA PRO A 369 -1.37 24.46 17.16
C PRO A 369 -0.58 25.77 17.05
N MET B 1 -17.68 -11.92 -27.49
CA MET B 1 -16.88 -10.99 -26.69
C MET B 1 -16.55 -9.73 -27.46
N LYS B 2 -16.80 -8.58 -26.84
CA LYS B 2 -16.54 -7.31 -27.50
C LYS B 2 -15.53 -6.47 -26.70
N MET B 3 -14.90 -5.52 -27.38
CA MET B 3 -13.96 -4.61 -26.73
C MET B 3 -14.55 -3.20 -26.66
N VAL B 4 -14.43 -2.58 -25.50
CA VAL B 4 -14.85 -1.18 -25.34
C VAL B 4 -13.63 -0.28 -25.29
N VAL B 5 -13.60 0.73 -26.16
CA VAL B 5 -12.48 1.66 -26.22
C VAL B 5 -12.91 3.06 -25.80
N LEU B 6 -12.24 3.60 -24.79
CA LEU B 6 -12.54 4.92 -24.27
C LEU B 6 -11.42 5.92 -24.56
N LYS B 7 -11.73 6.93 -25.36
CA LYS B 7 -10.77 7.98 -25.69
C LYS B 7 -10.98 9.19 -24.78
N PRO B 8 -10.04 9.43 -23.86
CA PRO B 8 -10.17 10.55 -22.91
C PRO B 8 -10.23 11.88 -23.64
N LYS B 9 -10.91 12.86 -23.05
CA LYS B 9 -11.02 14.17 -23.69
C LYS B 9 -9.72 14.97 -23.51
N ILE B 10 -9.66 16.16 -24.10
CA ILE B 10 -8.40 16.87 -24.30
C ILE B 10 -7.71 17.30 -23.01
N ASN B 11 -8.46 17.95 -22.12
CA ASN B 11 -7.91 18.40 -20.85
C ASN B 11 -8.42 17.59 -19.66
N SER B 12 -8.75 16.33 -19.91
CA SER B 12 -9.31 15.47 -18.88
C SER B 12 -8.26 14.94 -17.93
N LYS B 13 -8.68 14.67 -16.69
CA LYS B 13 -7.83 14.06 -15.68
C LYS B 13 -8.62 13.07 -14.83
N PHE B 14 -7.98 11.95 -14.50
CA PHE B 14 -8.69 10.84 -13.85
C PHE B 14 -8.20 10.53 -12.45
N HIS B 15 -9.09 9.96 -11.64
CA HIS B 15 -8.77 9.57 -10.27
C HIS B 15 -9.22 8.14 -9.99
N PHE B 16 -8.25 7.25 -9.79
CA PHE B 16 -8.55 5.83 -9.54
C PHE B 16 -8.16 5.45 -8.11
N LYS B 26 -0.94 0.61 -10.11
CA LYS B 26 -2.34 0.30 -9.85
C LYS B 26 -3.22 0.76 -11.00
N ILE B 27 -4.24 -0.03 -11.32
CA ILE B 27 -5.17 0.29 -12.40
C ILE B 27 -6.61 0.27 -11.93
N PHE B 28 -7.52 0.70 -12.81
CA PHE B 28 -8.95 0.73 -12.52
C PHE B 28 -9.52 -0.69 -12.59
N HIS B 29 -9.88 -1.24 -11.43
CA HIS B 29 -10.31 -2.63 -11.36
C HIS B 29 -11.69 -2.83 -11.99
N SER B 30 -11.92 -4.04 -12.48
CA SER B 30 -13.12 -4.36 -13.25
C SER B 30 -14.42 -4.21 -12.45
N ASN B 31 -14.35 -4.35 -11.13
CA ASN B 31 -15.54 -4.21 -10.31
C ASN B 31 -16.07 -2.78 -10.29
N SER B 32 -15.15 -1.83 -10.44
CA SER B 32 -15.51 -0.42 -10.51
C SER B 32 -16.18 -0.12 -11.85
N LEU B 33 -15.70 -0.79 -12.89
CA LEU B 33 -16.32 -0.73 -14.21
C LEU B 33 -17.74 -1.27 -14.15
N PHE B 34 -17.90 -2.41 -13.49
CA PHE B 34 -19.22 -3.02 -13.30
C PHE B 34 -20.15 -2.09 -12.55
N SER B 35 -19.62 -1.44 -11.51
CA SER B 35 -20.42 -0.51 -10.74
C SER B 35 -20.85 0.68 -11.60
N ALA B 36 -19.99 1.07 -12.54
CA ALA B 36 -20.30 2.15 -13.47
C ALA B 36 -21.42 1.74 -14.44
N ILE B 37 -21.27 0.56 -15.03
CA ILE B 37 -22.25 0.03 -15.96
C ILE B 37 -23.57 -0.30 -15.27
N VAL B 38 -23.55 -0.39 -13.95
CA VAL B 38 -24.77 -0.66 -13.19
C VAL B 38 -25.45 0.66 -12.80
N ASN B 39 -24.67 1.65 -12.41
CA ASN B 39 -25.26 2.95 -12.08
C ASN B 39 -25.80 3.66 -13.32
N ASN B 40 -25.24 3.32 -14.48
CA ASN B 40 -25.73 3.87 -15.74
C ASN B 40 -27.00 3.15 -16.17
N TYR B 41 -27.06 1.86 -15.90
CA TYR B 41 -28.26 1.07 -16.12
C TYR B 41 -29.41 1.60 -15.28
N ILE B 42 -29.15 1.85 -14.00
CA ILE B 42 -30.15 2.44 -13.12
C ILE B 42 -30.54 3.84 -13.61
N LYS B 43 -29.57 4.59 -14.10
CA LYS B 43 -29.85 5.93 -14.61
C LYS B 43 -30.79 5.88 -15.81
N LEU B 44 -30.58 4.90 -16.69
CA LEU B 44 -31.33 4.81 -17.94
C LEU B 44 -32.67 4.09 -17.85
N TYR B 45 -32.79 3.12 -16.96
CA TYR B 45 -33.99 2.28 -16.95
C TYR B 45 -34.58 2.08 -15.57
N GLY B 46 -34.00 2.73 -14.56
CA GLY B 46 -34.57 2.67 -13.23
C GLY B 46 -34.15 1.43 -12.47
N ARG B 47 -34.42 1.43 -11.17
CA ARG B 47 -34.03 0.33 -10.29
C ARG B 47 -34.92 -0.89 -10.54
N GLU B 48 -36.03 -0.67 -11.23
CA GLU B 48 -37.03 -1.70 -11.45
C GLU B 48 -36.60 -2.72 -12.51
N ASP B 49 -36.15 -2.23 -13.66
CA ASP B 49 -35.78 -3.11 -14.76
C ASP B 49 -34.44 -3.79 -14.51
N LEU B 50 -33.69 -3.28 -13.54
CA LEU B 50 -32.37 -3.84 -13.23
C LEU B 50 -32.50 -5.14 -12.44
N GLU B 51 -33.26 -5.11 -11.36
CA GLU B 51 -33.44 -6.29 -10.52
C GLU B 51 -34.40 -7.30 -11.16
N LYS B 52 -34.76 -7.05 -12.42
CA LYS B 52 -35.54 -8.00 -13.21
C LYS B 52 -34.62 -8.73 -14.19
N ASN B 53 -33.38 -8.25 -14.29
CA ASN B 53 -32.37 -8.86 -15.15
C ASN B 53 -31.04 -8.92 -14.44
N ILE B 54 -31.07 -8.73 -13.12
CA ILE B 54 -29.87 -8.62 -12.31
C ILE B 54 -29.08 -9.91 -12.29
N GLU B 55 -29.76 -11.05 -12.40
CA GLU B 55 -29.09 -12.35 -12.31
C GLU B 55 -28.31 -12.70 -13.57
N LYS B 56 -28.43 -11.88 -14.61
CA LYS B 56 -27.74 -12.14 -15.87
C LYS B 56 -26.89 -10.93 -16.26
N ILE B 57 -27.07 -9.84 -15.52
CA ILE B 57 -26.21 -8.67 -15.65
C ILE B 57 -25.02 -8.87 -14.72
N LYS B 58 -25.24 -9.67 -13.67
CA LYS B 58 -24.18 -10.02 -12.73
C LYS B 58 -23.33 -11.18 -13.26
N ASN B 59 -23.70 -11.72 -14.41
CA ASN B 59 -22.96 -12.83 -15.00
C ASN B 59 -22.25 -12.44 -16.28
N ILE B 60 -22.00 -11.14 -16.44
CA ILE B 60 -21.16 -10.65 -17.52
C ILE B 60 -19.70 -10.76 -17.09
N ARG B 61 -18.80 -10.83 -18.07
CA ARG B 61 -17.40 -10.97 -17.74
C ARG B 61 -16.61 -9.75 -18.18
N LEU B 62 -15.84 -9.20 -17.25
CA LEU B 62 -15.14 -7.96 -17.47
C LEU B 62 -13.64 -8.11 -17.30
N SER B 63 -12.89 -7.28 -18.03
CA SER B 63 -11.49 -7.08 -17.75
C SER B 63 -11.36 -5.73 -17.08
N SER B 64 -10.21 -5.45 -16.49
CA SER B 64 -10.00 -4.15 -15.86
C SER B 64 -9.71 -3.11 -16.94
N LEU B 65 -9.57 -1.85 -16.53
CA LEU B 65 -9.31 -0.78 -17.48
C LEU B 65 -7.83 -0.74 -17.88
N LEU B 66 -7.55 -1.21 -19.09
CA LEU B 66 -6.18 -1.31 -19.59
C LEU B 66 -5.85 -0.22 -20.59
N TYR B 67 -4.62 -0.22 -21.06
CA TYR B 67 -4.12 0.85 -21.91
C TYR B 67 -3.91 0.42 -23.35
N LYS B 68 -4.24 1.33 -24.27
CA LYS B 68 -4.12 1.09 -25.70
C LYS B 68 -3.33 2.21 -26.37
N ILE B 69 -2.28 1.85 -27.11
CA ILE B 69 -1.50 2.82 -27.87
C ILE B 69 -1.64 2.53 -29.36
N LYS B 70 -2.56 3.23 -30.02
CA LYS B 70 -2.90 3.00 -31.41
C LYS B 70 -3.39 1.57 -31.59
N ASN B 71 -2.52 0.69 -32.09
CA ASN B 71 -2.88 -0.70 -32.26
C ASN B 71 -2.03 -1.63 -31.40
N ILE B 72 -1.67 -1.15 -30.22
CA ILE B 72 -0.91 -1.95 -29.25
C ILE B 72 -1.71 -2.03 -27.96
N TYR B 73 -2.07 -3.25 -27.56
CA TYR B 73 -2.94 -3.44 -26.42
C TYR B 73 -2.21 -4.05 -25.25
N LEU B 74 -2.07 -3.28 -24.18
CA LEU B 74 -1.38 -3.74 -22.97
C LEU B 74 -2.27 -4.60 -22.08
N ILE B 75 -1.70 -5.67 -21.56
CA ILE B 75 -2.40 -6.57 -20.63
C ILE B 75 -1.44 -6.81 -19.45
N PRO B 76 -1.99 -7.09 -18.26
CA PRO B 76 -1.11 -7.23 -17.09
C PRO B 76 -0.09 -8.35 -17.24
N LYS B 77 1.01 -8.26 -16.50
CA LYS B 77 2.05 -9.29 -16.53
C LYS B 77 1.60 -10.53 -15.76
N PRO B 78 1.71 -11.71 -16.39
CA PRO B 78 1.37 -12.97 -15.74
C PRO B 78 2.22 -13.23 -14.51
N GLU B 79 1.58 -13.42 -13.36
CA GLU B 79 2.29 -13.61 -12.10
C GLU B 79 2.82 -15.04 -11.93
N HIS B 80 3.44 -15.55 -12.98
CA HIS B 80 4.09 -16.85 -12.94
C HIS B 80 5.57 -16.65 -12.58
N PRO B 81 6.10 -17.51 -11.67
CA PRO B 81 7.50 -17.43 -11.22
C PRO B 81 8.53 -17.50 -12.35
N GLU B 82 8.10 -17.94 -13.53
CA GLU B 82 8.96 -17.98 -14.72
C GLU B 82 9.65 -16.66 -14.99
N PHE B 83 9.00 -15.57 -14.60
CA PHE B 83 9.50 -14.22 -14.88
C PHE B 83 10.35 -13.71 -13.72
N TYR B 84 11.11 -14.60 -13.11
CA TYR B 84 11.99 -14.24 -12.00
C TYR B 84 13.31 -15.00 -12.02
N PRO B 94 20.12 -7.72 -13.49
CA PRO B 94 19.89 -8.09 -12.09
C PRO B 94 18.40 -8.28 -11.77
N LYS B 95 17.99 -7.81 -10.59
CA LYS B 95 16.59 -7.90 -10.18
C LYS B 95 15.82 -6.65 -10.59
N ASP B 96 16.09 -6.17 -11.80
CA ASP B 96 15.43 -4.98 -12.33
C ASP B 96 14.13 -5.35 -13.05
N ILE B 97 13.93 -6.64 -13.26
CA ILE B 97 12.74 -7.15 -13.93
C ILE B 97 11.52 -7.06 -13.03
N LYS B 98 11.71 -6.53 -11.83
CA LYS B 98 10.62 -6.28 -10.89
C LYS B 98 9.89 -5.01 -11.29
N LYS B 99 10.36 -4.37 -12.35
CA LYS B 99 9.82 -3.09 -12.80
C LYS B 99 8.74 -3.27 -13.87
N ILE B 100 8.78 -4.39 -14.58
CA ILE B 100 7.81 -4.62 -15.65
C ILE B 100 6.45 -4.98 -15.07
N GLN B 101 5.40 -4.50 -15.70
CA GLN B 101 4.05 -4.69 -15.21
C GLN B 101 3.08 -5.00 -16.33
N PHE B 102 3.50 -4.73 -17.56
CA PHE B 102 2.64 -4.90 -18.72
C PHE B 102 3.28 -5.68 -19.88
N PHE B 103 2.42 -6.33 -20.66
CA PHE B 103 2.82 -7.05 -21.85
C PHE B 103 1.90 -6.65 -22.99
N SER B 104 2.45 -6.21 -24.11
CA SER B 104 1.63 -5.97 -25.29
C SER B 104 1.02 -7.30 -25.71
N ILE B 105 -0.24 -7.27 -26.15
CA ILE B 105 -0.96 -8.51 -26.46
C ILE B 105 -0.26 -9.34 -27.55
N LYS B 106 0.43 -8.66 -28.46
CA LYS B 106 1.18 -9.33 -29.51
C LYS B 106 2.41 -10.01 -28.92
N ALA B 107 3.14 -9.29 -28.09
CA ALA B 107 4.31 -9.85 -27.40
C ALA B 107 3.91 -10.99 -26.49
N TYR B 108 2.75 -10.85 -25.86
CA TYR B 108 2.21 -11.90 -25.00
C TYR B 108 1.85 -13.14 -25.81
N LYS B 109 1.32 -12.93 -27.01
CA LYS B 109 0.95 -14.05 -27.87
C LYS B 109 2.19 -14.76 -28.37
N GLU B 110 3.24 -13.98 -28.64
CA GLU B 110 4.52 -14.54 -29.09
C GLU B 110 5.22 -15.30 -27.97
N LEU B 111 4.77 -15.09 -26.74
CA LEU B 111 5.30 -15.84 -25.60
C LEU B 111 4.62 -17.21 -25.52
N LEU B 112 3.56 -17.38 -26.30
CA LEU B 112 2.83 -18.65 -26.34
C LEU B 112 3.34 -19.53 -27.47
N ASP B 113 3.62 -18.89 -28.62
CA ASP B 113 4.08 -19.61 -29.80
C ASP B 113 5.61 -19.71 -29.84
N ASN B 114 6.25 -19.31 -28.74
CA ASN B 114 7.72 -19.27 -28.65
C ASN B 114 8.41 -18.53 -29.79
N GLU B 115 7.76 -17.50 -30.34
CA GLU B 115 8.40 -16.63 -31.31
C GLU B 115 9.18 -15.56 -30.54
N LEU B 116 9.01 -15.60 -29.22
CA LEU B 116 9.76 -14.74 -28.30
C LEU B 116 10.23 -15.59 -27.13
N ASP B 117 11.53 -15.56 -26.88
CA ASP B 117 12.12 -16.44 -25.87
C ASP B 117 12.50 -15.67 -24.62
N TRP B 118 11.67 -15.79 -23.59
CA TRP B 118 11.92 -15.09 -22.32
C TRP B 118 13.17 -15.56 -21.58
N LYS B 119 13.46 -16.86 -21.65
CA LYS B 119 14.46 -17.47 -20.79
C LYS B 119 15.89 -17.00 -21.07
N ASN B 120 16.38 -17.20 -22.30
CA ASN B 120 17.77 -16.91 -22.62
C ASN B 120 17.96 -15.67 -23.48
N LYS B 121 16.89 -14.92 -23.70
CA LYS B 121 16.96 -13.74 -24.56
C LYS B 121 16.36 -12.53 -23.85
N ILE B 122 16.37 -12.58 -22.52
CA ILE B 122 15.72 -11.56 -21.71
C ILE B 122 16.42 -10.20 -21.79
N LYS B 123 17.74 -10.20 -22.03
CA LYS B 123 18.48 -8.97 -22.08
C LYS B 123 18.17 -8.20 -23.36
N HIS B 124 17.95 -8.94 -24.44
CA HIS B 124 17.56 -8.36 -25.71
C HIS B 124 16.18 -7.74 -25.59
N ILE B 125 15.31 -8.41 -24.84
CA ILE B 125 13.96 -7.92 -24.59
C ILE B 125 14.00 -6.66 -23.74
N VAL B 126 14.90 -6.62 -22.77
CA VAL B 126 14.99 -5.50 -21.85
C VAL B 126 15.65 -4.29 -22.52
N ASP B 127 16.50 -4.56 -23.50
CA ASP B 127 17.25 -3.49 -24.16
C ASP B 127 16.54 -2.92 -25.38
N TYR B 128 15.98 -3.79 -26.22
CA TYR B 128 15.38 -3.35 -27.47
C TYR B 128 13.86 -3.35 -27.46
N GLN B 129 13.25 -3.90 -26.42
CA GLN B 129 11.81 -4.12 -26.45
C GLN B 129 11.05 -3.65 -25.21
N THR B 130 11.70 -2.86 -24.34
CA THR B 130 11.04 -2.42 -23.11
C THR B 130 10.88 -0.90 -23.05
N ILE B 131 9.65 -0.47 -22.77
CA ILE B 131 9.31 0.95 -22.65
C ILE B 131 9.26 1.38 -21.18
N ASN B 132 9.98 2.45 -20.86
CA ASN B 132 10.05 3.00 -19.51
C ASN B 132 10.29 1.94 -18.42
N LYS B 133 11.07 0.92 -18.77
CA LYS B 133 11.45 -0.15 -17.85
C LYS B 133 10.27 -0.97 -17.33
N SER B 134 9.06 -0.71 -17.85
CA SER B 134 7.87 -1.33 -17.30
C SER B 134 6.95 -2.01 -18.32
N ILE B 135 7.16 -1.74 -19.60
CA ILE B 135 6.29 -2.30 -20.62
C ILE B 135 7.04 -3.09 -21.68
N VAL B 136 6.76 -4.38 -21.77
CA VAL B 136 7.38 -5.23 -22.79
C VAL B 136 6.50 -5.29 -24.03
N ILE B 137 7.09 -4.98 -25.19
CA ILE B 137 6.36 -5.02 -26.45
C ILE B 137 7.00 -6.00 -27.43
N SER B 138 6.41 -6.10 -28.62
CA SER B 138 6.92 -7.00 -29.65
C SER B 138 7.91 -6.27 -30.56
N GLU B 139 8.74 -7.04 -31.27
CA GLU B 139 9.68 -6.48 -32.23
C GLU B 139 8.95 -5.72 -33.33
N LYS B 140 7.79 -6.24 -33.75
CA LYS B 140 7.03 -5.64 -34.85
C LYS B 140 6.33 -4.34 -34.43
N GLU B 141 6.46 -3.98 -33.17
CA GLU B 141 5.82 -2.77 -32.64
C GLU B 141 6.84 -1.67 -32.32
N ILE B 142 8.11 -2.05 -32.26
CA ILE B 142 9.21 -1.14 -31.98
C ILE B 142 9.22 0.08 -32.91
N GLU B 143 9.11 -0.16 -34.20
CA GLU B 143 9.22 0.89 -35.20
C GLU B 143 8.08 1.90 -35.08
N GLU B 144 6.90 1.43 -34.72
CA GLU B 144 5.75 2.30 -34.60
C GLU B 144 5.74 3.03 -33.27
N ILE B 145 6.29 2.40 -32.24
CA ILE B 145 6.49 3.09 -30.97
C ILE B 145 7.47 4.25 -31.17
N LYS B 146 8.62 3.96 -31.76
CA LYS B 146 9.59 4.98 -32.10
C LYS B 146 9.02 6.06 -33.02
N ARG B 147 8.08 5.65 -33.88
CA ARG B 147 7.44 6.60 -34.79
C ARG B 147 6.56 7.58 -34.05
N ILE B 148 5.66 7.05 -33.21
CA ILE B 148 4.70 7.85 -32.48
C ILE B 148 5.34 8.90 -31.56
N PHE B 149 6.25 8.48 -30.71
CA PHE B 149 6.81 9.37 -29.70
C PHE B 149 8.13 9.98 -30.15
N GLY B 150 8.49 9.72 -31.40
CA GLY B 150 9.66 10.31 -32.02
C GLY B 150 10.99 10.07 -31.32
N ILE B 151 11.22 8.84 -30.89
CA ILE B 151 12.50 8.51 -30.26
C ILE B 151 13.42 7.85 -31.30
N LYS B 152 14.61 8.42 -31.46
CA LYS B 152 15.55 7.95 -32.47
C LYS B 152 16.68 7.12 -31.88
N ALA B 153 16.84 7.17 -30.56
CA ALA B 153 17.84 6.36 -29.86
C ALA B 153 17.74 4.90 -30.29
N GLU B 154 18.88 4.24 -30.45
CA GLU B 154 18.91 2.90 -30.99
C GLU B 154 18.36 1.86 -30.00
N LYS B 155 18.50 2.12 -28.71
CA LYS B 155 17.88 1.26 -27.71
C LYS B 155 16.72 1.98 -27.03
N LEU B 156 15.71 1.21 -26.65
CA LEU B 156 14.52 1.78 -26.00
C LEU B 156 14.65 1.83 -24.47
N LYS B 157 15.65 1.15 -23.92
CA LYS B 157 15.83 1.15 -22.47
C LYS B 157 16.15 2.53 -21.91
N HIS B 158 16.88 3.31 -22.68
CA HIS B 158 17.31 4.64 -22.27
C HIS B 158 16.48 5.73 -22.92
N ALA B 159 15.18 5.49 -23.01
CA ALA B 159 14.25 6.43 -23.64
C ALA B 159 12.99 6.51 -22.80
N LYS B 160 12.76 7.69 -22.22
CA LYS B 160 11.59 7.92 -21.39
C LYS B 160 10.42 8.51 -22.15
N ILE B 161 9.36 7.72 -22.29
CA ILE B 161 8.14 8.16 -22.95
C ILE B 161 7.11 8.57 -21.91
N SER B 162 6.56 9.77 -22.07
CA SER B 162 5.54 10.26 -21.14
C SER B 162 4.17 9.73 -21.54
N LEU B 163 3.82 8.56 -21.01
CA LEU B 163 2.54 7.93 -21.30
C LEU B 163 1.47 8.40 -20.33
N ILE B 164 1.87 8.56 -19.07
CA ILE B 164 0.98 9.00 -18.01
C ILE B 164 1.68 10.09 -17.18
N SER B 165 0.88 10.99 -16.61
CA SER B 165 1.39 12.02 -15.73
C SER B 165 0.69 11.93 -14.38
N LYS B 166 1.44 11.61 -13.34
CA LYS B 166 0.87 11.42 -12.01
C LYS B 166 1.02 12.68 -11.15
N HIS B 167 0.11 12.86 -10.21
CA HIS B 167 0.24 13.96 -9.24
C HIS B 167 -0.59 13.72 -7.99
N LEU B 168 0.08 13.55 -6.85
CA LEU B 168 -0.60 13.39 -5.56
C LEU B 168 -1.12 14.72 -5.03
N GLU B 169 -2.25 14.67 -4.36
CA GLU B 169 -2.86 15.86 -3.78
C GLU B 169 -3.30 15.59 -2.34
N GLN B 170 -3.14 16.58 -1.48
CA GLN B 170 -3.43 16.43 -0.05
C GLN B 170 -4.80 17.01 0.27
N LYS B 171 -5.84 16.17 0.26
CA LYS B 171 -7.16 16.64 0.61
C LYS B 171 -7.60 16.16 1.99
N VAL B 172 -8.53 16.91 2.59
CA VAL B 172 -9.10 16.56 3.88
C VAL B 172 -10.52 16.06 3.66
N ALA B 173 -11.08 15.37 4.64
CA ALA B 173 -12.44 14.84 4.53
C ALA B 173 -13.36 15.47 5.58
N LYS B 187 -11.74 20.12 9.39
CA LYS B 187 -11.12 18.99 10.10
C LYS B 187 -11.60 17.66 9.54
N GLY B 188 -11.12 16.56 10.11
CA GLY B 188 -11.43 15.24 9.62
C GLY B 188 -10.17 14.47 9.24
N GLN B 189 -10.31 13.51 8.34
CA GLN B 189 -9.21 12.66 7.95
C GLN B 189 -8.39 13.26 6.81
N LEU B 190 -7.09 13.40 7.01
CA LEU B 190 -6.19 13.78 5.94
C LEU B 190 -5.93 12.59 5.05
N TYR B 191 -5.90 12.81 3.74
CA TYR B 191 -5.59 11.73 2.80
C TYR B 191 -5.13 12.25 1.46
N ASN B 192 -4.45 11.38 0.71
CA ASN B 192 -3.91 11.73 -0.59
C ASN B 192 -4.74 11.16 -1.73
N ILE B 193 -4.88 11.94 -2.80
CA ILE B 193 -5.56 11.48 -4.00
C ILE B 193 -4.62 11.61 -5.21
N GLU B 194 -4.49 10.53 -5.96
CA GLU B 194 -3.58 10.53 -7.11
C GLU B 194 -4.32 10.85 -8.39
N PHE B 195 -3.89 11.92 -9.05
CA PHE B 195 -4.46 12.32 -10.33
C PHE B 195 -3.60 11.82 -11.47
N ILE B 196 -4.26 11.24 -12.47
CA ILE B 196 -3.59 10.69 -13.65
C ILE B 196 -4.02 11.45 -14.90
N LYS B 197 -3.04 11.85 -15.71
CA LYS B 197 -3.32 12.53 -16.96
C LYS B 197 -2.75 11.70 -18.12
N LEU B 198 -3.57 11.44 -19.13
CA LEU B 198 -3.15 10.57 -20.22
C LEU B 198 -2.51 11.33 -21.38
N ASN B 199 -1.51 10.72 -22.00
CA ASN B 199 -0.90 11.25 -23.21
C ASN B 199 -1.88 11.18 -24.36
N GLU B 200 -1.73 12.10 -25.33
CA GLU B 200 -2.64 12.18 -26.47
C GLU B 200 -2.73 10.89 -27.28
N ASN B 201 -1.71 10.05 -27.18
CA ASN B 201 -1.64 8.81 -27.96
C ASN B 201 -2.11 7.59 -27.18
N VAL B 202 -2.38 7.78 -25.89
CA VAL B 202 -2.81 6.69 -25.03
C VAL B 202 -4.32 6.75 -24.79
N GLU B 203 -4.98 5.59 -24.88
CA GLU B 203 -6.41 5.51 -24.64
C GLU B 203 -6.73 4.40 -23.64
N PHE B 204 -7.93 4.42 -23.08
CA PHE B 204 -8.37 3.35 -22.21
C PHE B 204 -9.10 2.29 -23.02
N TYR B 205 -9.09 1.05 -22.54
CA TYR B 205 -9.91 0.00 -23.15
C TYR B 205 -10.19 -1.13 -22.16
N PHE B 206 -11.30 -1.82 -22.33
CA PHE B 206 -11.56 -3.01 -21.52
C PHE B 206 -12.41 -4.01 -22.28
N LEU B 207 -12.23 -5.29 -21.96
CA LEU B 207 -12.97 -6.34 -22.65
C LEU B 207 -14.25 -6.68 -21.89
N ILE B 208 -15.32 -6.95 -22.64
CA ILE B 208 -16.61 -7.28 -22.06
C ILE B 208 -17.18 -8.53 -22.73
N ASP B 209 -17.65 -9.47 -21.90
CA ASP B 209 -18.32 -10.67 -22.38
C ASP B 209 -19.71 -10.79 -21.78
N TYR B 210 -20.73 -10.54 -22.61
CA TYR B 210 -22.11 -10.51 -22.15
C TYR B 210 -22.58 -11.86 -21.60
N ASN B 211 -22.00 -12.95 -22.13
CA ASN B 211 -22.38 -14.31 -21.78
C ASN B 211 -23.88 -14.52 -21.89
N ASN B 212 -24.43 -14.09 -23.03
CA ASN B 212 -25.87 -14.08 -23.27
C ASN B 212 -26.10 -13.63 -24.71
N GLU B 213 -27.35 -13.65 -25.16
CA GLU B 213 -27.64 -13.30 -26.55
C GLU B 213 -28.94 -12.52 -26.70
N ASP B 214 -29.57 -12.17 -25.58
CA ASP B 214 -30.75 -11.31 -25.59
C ASP B 214 -30.41 -9.91 -26.06
N LYS B 215 -30.78 -9.57 -27.29
CA LYS B 215 -30.50 -8.27 -27.87
C LYS B 215 -31.12 -7.12 -27.06
N GLU B 216 -32.31 -7.37 -26.51
CA GLU B 216 -33.01 -6.38 -25.70
C GLU B 216 -32.26 -6.08 -24.41
N PHE B 217 -31.34 -6.97 -24.07
CA PHE B 217 -30.50 -6.83 -22.89
C PHE B 217 -29.11 -6.34 -23.29
N ILE B 218 -28.55 -6.97 -24.32
CA ILE B 218 -27.25 -6.58 -24.85
C ILE B 218 -27.17 -5.10 -25.25
N LYS B 219 -28.18 -4.61 -25.97
CA LYS B 219 -28.14 -3.24 -26.46
C LYS B 219 -28.26 -2.20 -25.35
N LYS B 220 -28.88 -2.60 -24.25
CA LYS B 220 -29.03 -1.69 -23.11
C LYS B 220 -27.83 -1.80 -22.17
N LEU B 221 -27.12 -2.92 -22.24
CA LEU B 221 -25.82 -3.03 -21.58
C LEU B 221 -24.85 -2.12 -22.29
N GLU B 222 -24.90 -2.16 -23.62
CA GLU B 222 -24.06 -1.31 -24.45
C GLU B 222 -24.48 0.15 -24.32
N ALA B 223 -25.73 0.36 -23.94
CA ALA B 223 -26.21 1.71 -23.67
C ALA B 223 -25.61 2.21 -22.36
N SER B 224 -25.60 1.33 -21.35
CA SER B 224 -24.99 1.65 -20.07
C SER B 224 -23.50 1.92 -20.21
N ILE B 225 -22.86 1.16 -21.09
CA ILE B 225 -21.45 1.33 -21.38
C ILE B 225 -21.18 2.65 -22.11
N LYS B 226 -22.01 2.94 -23.11
CA LYS B 226 -21.82 4.14 -23.92
C LYS B 226 -22.14 5.40 -23.13
N LEU B 227 -22.98 5.28 -22.12
CA LEU B 227 -23.37 6.43 -21.31
C LEU B 227 -22.18 6.99 -20.53
N ILE B 228 -21.16 6.16 -20.34
CA ILE B 228 -19.92 6.54 -19.67
C ILE B 228 -19.29 7.76 -20.34
N GLU B 229 -19.42 7.83 -21.66
CA GLU B 229 -18.96 8.96 -22.46
C GLU B 229 -19.24 10.32 -21.82
N ASP B 230 -20.45 10.48 -21.29
CA ASP B 230 -20.82 11.73 -20.66
C ASP B 230 -20.94 11.60 -19.13
N GLU B 231 -20.93 10.37 -18.66
CA GLU B 231 -21.02 10.11 -17.23
C GLU B 231 -19.65 10.17 -16.56
N GLY B 232 -18.70 9.38 -17.10
CA GLY B 232 -17.32 9.40 -16.65
C GLY B 232 -16.92 8.22 -15.78
N LEU B 233 -15.67 8.23 -15.33
CA LEU B 233 -15.12 7.17 -14.49
C LEU B 233 -14.25 7.73 -13.37
N GLY B 234 -14.42 7.20 -12.17
CA GLY B 234 -13.61 7.59 -11.02
C GLY B 234 -14.22 8.69 -10.18
N GLY B 235 -13.63 8.93 -9.01
CA GLY B 235 -14.08 9.95 -8.10
C GLY B 235 -15.40 9.65 -7.43
N GLY B 242 -13.53 12.31 -14.20
CA GLY B 242 -12.88 12.39 -15.49
C GLY B 242 -13.76 11.84 -16.59
N PHE B 243 -14.03 12.68 -17.60
CA PHE B 243 -14.94 12.32 -18.68
C PHE B 243 -14.22 12.03 -20.01
N PHE B 244 -14.95 11.46 -20.96
CA PHE B 244 -14.36 11.04 -22.23
C PHE B 244 -14.96 11.80 -23.41
N GLU B 245 -14.29 11.73 -24.56
CA GLU B 245 -14.77 12.40 -25.77
C GLU B 245 -15.48 11.41 -26.67
N LYS B 246 -15.04 10.15 -26.64
CA LYS B 246 -15.68 9.08 -27.40
C LYS B 246 -15.50 7.72 -26.74
N VAL B 247 -16.62 7.05 -26.47
CA VAL B 247 -16.59 5.67 -25.97
C VAL B 247 -17.24 4.76 -27.00
N GLU B 248 -16.44 3.94 -27.67
CA GLU B 248 -16.96 3.13 -28.77
C GLU B 248 -16.75 1.63 -28.53
N ILE B 249 -17.79 0.85 -28.81
CA ILE B 249 -17.71 -0.60 -28.70
C ILE B 249 -17.45 -1.25 -30.04
N VAL B 250 -16.36 -1.99 -30.12
CA VAL B 250 -15.96 -2.64 -31.36
C VAL B 250 -15.68 -4.11 -31.12
N ASP B 251 -15.37 -4.84 -32.18
CA ASP B 251 -15.04 -6.24 -32.05
C ASP B 251 -13.56 -6.40 -31.68
N LEU B 252 -13.24 -7.51 -31.04
CA LEU B 252 -11.87 -7.82 -30.63
C LEU B 252 -10.89 -7.72 -31.79
N PRO B 253 -9.71 -7.09 -31.55
CA PRO B 253 -8.64 -7.11 -32.55
C PRO B 253 -8.19 -8.54 -32.83
N GLU B 254 -7.47 -8.75 -33.93
CA GLU B 254 -7.30 -10.10 -34.45
C GLU B 254 -6.36 -10.97 -33.62
N ASP B 255 -5.51 -10.35 -32.80
CA ASP B 255 -4.69 -11.12 -31.87
C ASP B 255 -5.56 -11.69 -30.75
N PHE B 256 -6.31 -10.79 -30.12
CA PHE B 256 -7.25 -11.16 -29.05
C PHE B 256 -8.25 -12.20 -29.55
N ASN B 257 -8.68 -12.07 -30.80
CA ASN B 257 -9.67 -12.98 -31.36
C ASN B 257 -9.06 -14.32 -31.75
N GLU B 258 -7.83 -14.29 -32.24
CA GLU B 258 -7.13 -15.53 -32.58
C GLU B 258 -6.72 -16.29 -31.32
N ILE B 259 -6.72 -15.61 -30.18
CA ILE B 259 -6.35 -16.24 -28.93
C ILE B 259 -7.59 -16.73 -28.17
N LEU B 260 -8.65 -15.92 -28.18
CA LEU B 260 -9.84 -16.20 -27.39
C LEU B 260 -10.85 -17.06 -28.14
N ASP B 261 -10.52 -17.41 -29.38
CA ASP B 261 -11.40 -18.27 -30.16
C ASP B 261 -11.36 -19.69 -29.62
N GLU B 262 -12.54 -20.21 -29.26
CA GLU B 262 -12.65 -21.53 -28.65
C GLU B 262 -12.49 -22.65 -29.66
N ASN B 263 -12.42 -22.28 -30.93
CA ASN B 263 -12.22 -23.24 -32.01
C ASN B 263 -10.78 -23.17 -32.52
N SER B 264 -9.85 -22.93 -31.61
CA SER B 264 -8.44 -22.82 -31.96
C SER B 264 -7.55 -23.64 -31.03
N LYS B 265 -6.27 -23.68 -31.35
CA LYS B 265 -5.28 -24.38 -30.53
C LYS B 265 -5.32 -23.95 -29.07
N TYR B 266 -5.10 -22.65 -28.84
CA TYR B 266 -5.00 -22.06 -27.50
C TYR B 266 -6.14 -22.46 -26.56
N ASN B 267 -7.29 -22.82 -27.13
CA ASN B 267 -8.43 -23.28 -26.35
C ASN B 267 -8.11 -24.44 -25.41
N ASN B 268 -7.19 -25.31 -25.82
CA ASN B 268 -6.87 -26.50 -25.03
C ASN B 268 -5.75 -26.26 -24.02
N LEU B 269 -5.15 -25.07 -24.05
CA LEU B 269 -4.12 -24.71 -23.09
C LEU B 269 -4.62 -24.84 -21.66
N GLU B 270 -3.78 -25.38 -20.79
CA GLU B 270 -4.22 -25.79 -19.46
C GLU B 270 -4.23 -24.69 -18.41
N TYR B 271 -3.62 -23.53 -18.69
CA TYR B 271 -3.68 -22.48 -17.68
C TYR B 271 -4.39 -21.26 -18.25
N LYS B 272 -4.68 -20.29 -17.39
CA LYS B 272 -5.40 -19.09 -17.79
C LYS B 272 -5.03 -17.91 -16.91
N MET B 273 -5.02 -16.71 -17.48
CA MET B 273 -4.61 -15.51 -16.76
C MET B 273 -5.77 -14.52 -16.64
N LEU B 274 -5.99 -14.02 -15.43
CA LEU B 274 -7.03 -13.04 -15.16
C LEU B 274 -6.73 -11.69 -15.80
N LEU B 275 -7.74 -11.09 -16.41
CA LEU B 275 -7.62 -9.75 -16.97
C LEU B 275 -8.45 -8.77 -16.13
N GLY B 276 -9.07 -9.31 -15.09
CA GLY B 276 -9.83 -8.51 -14.14
C GLY B 276 -9.65 -9.07 -12.75
N VAL B 277 -10.32 -8.48 -11.76
CA VAL B 277 -10.27 -9.01 -10.40
C VAL B 277 -11.09 -10.30 -10.33
N GLY B 278 -10.65 -11.22 -9.48
CA GLY B 278 -11.34 -12.48 -9.33
C GLY B 278 -11.81 -12.73 -7.91
N ILE B 279 -13.12 -12.90 -7.74
CA ILE B 279 -13.67 -13.28 -6.45
C ILE B 279 -14.13 -14.74 -6.52
N PRO B 280 -13.32 -15.63 -5.92
CA PRO B 280 -13.48 -17.08 -6.10
C PRO B 280 -14.68 -17.69 -5.39
N ASN B 281 -15.25 -18.72 -6.00
CA ASN B 281 -16.20 -19.59 -5.33
C ASN B 281 -15.45 -20.74 -4.68
N LYS B 282 -16.13 -21.49 -3.82
CA LYS B 282 -15.51 -22.63 -3.14
C LYS B 282 -14.99 -23.69 -4.10
N ASP B 283 -15.40 -23.59 -5.36
CA ASP B 283 -15.03 -24.58 -6.36
C ASP B 283 -13.80 -24.14 -7.16
N ASP B 284 -13.62 -22.83 -7.32
CA ASP B 284 -12.49 -22.31 -8.07
C ASP B 284 -11.20 -22.31 -7.25
N ILE B 285 -11.34 -22.52 -5.95
CA ILE B 285 -10.20 -22.45 -5.04
C ILE B 285 -9.19 -23.57 -5.32
N LYS B 286 -9.66 -24.65 -5.94
CA LYS B 286 -8.79 -25.78 -6.24
C LYS B 286 -8.07 -25.56 -7.57
N ASN B 287 -8.40 -24.46 -8.24
CA ASN B 287 -7.77 -24.12 -9.52
C ASN B 287 -6.79 -22.95 -9.42
N ILE B 288 -6.70 -22.35 -8.24
CA ILE B 288 -5.83 -21.19 -8.05
C ILE B 288 -4.39 -21.63 -7.77
N GLU B 289 -3.48 -21.26 -8.67
CA GLU B 289 -2.08 -21.60 -8.50
C GLU B 289 -1.27 -20.40 -8.02
N TYR B 290 -0.81 -19.58 -8.96
CA TYR B 290 -0.06 -18.39 -8.62
C TYR B 290 -0.96 -17.15 -8.69
N TYR B 291 -0.96 -16.36 -7.62
CA TYR B 291 -1.84 -15.21 -7.55
C TYR B 291 -1.36 -14.11 -6.60
N LYS B 292 -2.10 -13.01 -6.57
CA LYS B 292 -1.85 -11.90 -5.68
C LYS B 292 -3.19 -11.38 -5.18
N LEU B 293 -3.25 -10.99 -3.92
CA LEU B 293 -4.51 -10.62 -3.31
C LEU B 293 -4.68 -9.12 -3.12
N ILE B 294 -5.90 -8.63 -3.33
CA ILE B 294 -6.25 -7.26 -3.00
C ILE B 294 -7.60 -7.24 -2.30
N GLU B 295 -7.83 -6.20 -1.49
CA GLU B 295 -9.09 -6.05 -0.76
C GLU B 295 -9.95 -4.97 -1.40
N ILE B 296 -11.12 -5.38 -1.89
CA ILE B 296 -12.10 -4.44 -2.42
C ILE B 296 -13.13 -4.12 -1.33
N GLY B 297 -13.77 -2.98 -1.44
CA GLY B 297 -14.78 -2.57 -0.49
C GLY B 297 -15.09 -1.11 -0.65
N GLY B 298 -15.43 -0.45 0.45
CA GLY B 298 -15.77 0.96 0.41
C GLY B 298 -14.89 1.72 1.37
N TYR B 299 -15.03 3.04 1.38
CA TYR B 299 -14.28 3.89 2.29
C TYR B 299 -15.11 4.28 3.52
N ILE B 300 -14.44 4.73 4.58
CA ILE B 300 -15.12 5.20 5.77
C ILE B 300 -15.31 6.71 5.74
N LEU B 303 -17.27 8.96 11.17
CA LEU B 303 -16.54 8.56 12.37
C LEU B 303 -17.35 7.59 13.21
N GLU B 304 -18.66 7.54 12.94
CA GLU B 304 -19.54 6.56 13.57
C GLU B 304 -19.05 5.13 13.38
N CYS B 305 -18.41 4.86 12.24
CA CYS B 305 -17.99 3.51 11.89
C CYS B 305 -16.53 3.23 12.22
N LEU B 306 -15.93 4.06 13.08
CA LEU B 306 -14.56 3.82 13.53
C LEU B 306 -14.52 2.88 14.73
N THR B 307 -15.68 2.41 15.16
CA THR B 307 -15.76 1.49 16.29
C THR B 307 -16.19 0.11 15.82
N LYS B 308 -16.87 0.08 14.68
CA LYS B 308 -17.34 -1.17 14.09
C LYS B 308 -16.38 -1.63 13.00
N PRO B 309 -16.09 -2.94 12.97
CA PRO B 309 -15.09 -3.53 12.09
C PRO B 309 -15.30 -3.24 10.61
N LYS B 310 -14.25 -3.46 9.82
CA LYS B 310 -14.26 -3.14 8.40
C LYS B 310 -14.21 -4.41 7.56
N ARG B 311 -15.37 -4.93 7.20
CA ARG B 311 -15.43 -6.13 6.37
C ARG B 311 -15.05 -5.83 4.93
N ASN B 312 -14.06 -6.58 4.42
CA ASN B 312 -13.56 -6.38 3.07
C ASN B 312 -13.66 -7.64 2.23
N ILE B 313 -13.68 -7.47 0.91
CA ILE B 313 -13.80 -8.60 0.00
C ILE B 313 -12.46 -8.91 -0.67
N LEU B 314 -11.95 -10.12 -0.43
CA LEU B 314 -10.66 -10.51 -0.98
C LEU B 314 -10.81 -10.94 -2.43
N ALA B 315 -9.85 -10.55 -3.26
CA ALA B 315 -9.91 -10.88 -4.68
C ALA B 315 -8.54 -11.10 -5.29
N LEU B 316 -8.49 -11.89 -6.36
CA LEU B 316 -7.25 -12.14 -7.08
C LEU B 316 -6.99 -11.03 -8.09
N THR B 317 -5.79 -10.44 -8.03
CA THR B 317 -5.43 -9.34 -8.92
C THR B 317 -5.33 -9.79 -10.37
N GLU B 318 -5.36 -8.83 -11.28
CA GLU B 318 -5.15 -9.11 -12.69
C GLU B 318 -3.77 -9.70 -12.90
N GLY B 319 -3.71 -10.78 -13.66
CA GLY B 319 -2.45 -11.45 -13.91
C GLY B 319 -2.26 -12.74 -13.15
N SER B 320 -3.21 -13.04 -12.26
CA SER B 320 -3.16 -14.30 -11.51
C SER B 320 -3.40 -15.49 -12.43
N ILE B 321 -2.72 -16.60 -12.16
CA ILE B 321 -2.85 -17.79 -12.99
C ILE B 321 -3.77 -18.81 -12.33
N VAL B 322 -4.75 -19.28 -13.09
CA VAL B 322 -5.66 -20.32 -12.62
C VAL B 322 -5.73 -21.47 -13.61
N LYS B 323 -5.91 -22.69 -13.10
CA LYS B 323 -6.00 -23.88 -13.95
C LYS B 323 -7.45 -24.11 -14.41
N ASN B 324 -7.59 -24.82 -15.54
CA ASN B 324 -8.90 -25.19 -16.08
C ASN B 324 -9.80 -23.99 -16.38
N ASP B 325 -10.47 -23.48 -15.34
CA ASP B 325 -11.45 -22.42 -15.53
C ASP B 325 -11.84 -21.75 -14.22
N PHE B 326 -11.86 -20.42 -14.23
CA PHE B 326 -12.26 -19.62 -13.08
C PHE B 326 -13.65 -19.03 -13.31
N ILE B 327 -14.57 -19.33 -12.41
CA ILE B 327 -15.95 -18.88 -12.59
C ILE B 327 -16.14 -17.46 -12.03
N GLY B 328 -15.83 -17.30 -10.76
CA GLY B 328 -15.96 -16.01 -10.11
C GLY B 328 -17.26 -15.88 -9.36
N ASP B 329 -17.51 -14.68 -8.83
CA ASP B 329 -18.71 -14.43 -8.03
C ASP B 329 -18.97 -12.93 -7.94
N VAL B 330 -20.14 -12.57 -7.41
CA VAL B 330 -20.48 -11.16 -7.23
C VAL B 330 -21.01 -10.96 -5.81
N LYS B 331 -20.12 -10.58 -4.90
CA LYS B 331 -20.46 -10.38 -3.50
C LYS B 331 -21.44 -9.22 -3.29
N ASP B 332 -21.95 -9.12 -2.07
CA ASP B 332 -22.85 -8.04 -1.69
C ASP B 332 -22.54 -7.58 -0.27
N LYS B 355 -28.31 -0.93 -2.50
CA LYS B 355 -27.58 -2.15 -2.86
C LYS B 355 -26.27 -1.83 -3.58
N VAL B 356 -25.22 -2.53 -3.20
CA VAL B 356 -23.90 -2.35 -3.82
C VAL B 356 -23.29 -3.71 -4.16
N TYR B 357 -22.94 -3.89 -5.43
CA TYR B 357 -22.37 -5.14 -5.90
C TYR B 357 -20.86 -5.03 -6.12
N THR B 358 -20.18 -6.18 -6.05
CA THR B 358 -18.74 -6.24 -6.24
C THR B 358 -18.41 -7.36 -7.23
N HIS B 359 -18.31 -7.02 -8.51
CA HIS B 359 -18.14 -8.00 -9.56
C HIS B 359 -16.74 -8.63 -9.53
N GLY B 360 -16.70 -9.96 -9.55
CA GLY B 360 -15.45 -10.69 -9.45
C GLY B 360 -15.31 -11.83 -10.43
N LYS B 361 -16.00 -11.74 -11.57
CA LYS B 361 -15.87 -12.73 -12.63
C LYS B 361 -15.01 -12.18 -13.77
N PRO B 362 -13.71 -12.46 -13.73
CA PRO B 362 -12.77 -11.85 -14.68
C PRO B 362 -12.65 -12.60 -16.00
N ILE B 363 -12.57 -11.84 -17.09
CA ILE B 363 -12.28 -12.43 -18.39
C ILE B 363 -10.92 -13.12 -18.36
N LEU B 364 -10.92 -14.42 -18.64
CA LEU B 364 -9.70 -15.21 -18.60
C LEU B 364 -9.02 -15.23 -19.97
N LEU B 365 -7.71 -15.42 -19.96
CA LEU B 365 -6.93 -15.43 -21.20
C LEU B 365 -5.94 -16.60 -21.18
N PRO B 366 -6.12 -17.56 -22.10
CA PRO B 366 -5.37 -18.82 -22.13
C PRO B 366 -3.86 -18.65 -22.01
N PHE B 367 -3.26 -19.41 -21.10
CA PHE B 367 -1.85 -19.29 -20.78
C PHE B 367 -1.16 -20.66 -20.67
N ASN B 368 0.08 -20.68 -21.17
CA ASN B 368 0.97 -21.85 -21.07
C ASN B 368 2.31 -21.46 -20.45
N PRO B 369 2.81 -22.28 -19.50
CA PRO B 369 4.11 -22.05 -18.87
C PRO B 369 5.26 -22.10 -19.88
N LEU C 24 3.98 -24.68 30.79
CA LEU C 24 5.41 -24.96 30.90
C LEU C 24 6.23 -23.67 30.73
N THR C 25 6.58 -23.05 31.85
CA THR C 25 7.32 -21.79 31.87
C THR C 25 8.75 -21.94 31.35
N LEU C 26 9.38 -20.82 30.99
CA LEU C 26 10.75 -20.82 30.48
C LEU C 26 11.76 -20.49 31.59
N LYS C 27 12.75 -21.37 31.77
CA LYS C 27 13.72 -21.18 32.84
C LYS C 27 14.93 -20.39 32.38
N GLY C 28 15.30 -20.52 31.12
CA GLY C 28 16.39 -19.70 30.64
C GLY C 28 16.81 -19.86 29.18
N LYS C 29 17.76 -19.03 28.76
CA LYS C 29 18.36 -19.16 27.44
C LYS C 29 19.85 -19.46 27.55
N VAL C 30 20.33 -20.38 26.72
CA VAL C 30 21.75 -20.68 26.65
C VAL C 30 22.23 -20.46 25.24
N ILE C 31 22.96 -19.37 25.05
CA ILE C 31 23.48 -19.00 23.75
C ILE C 31 24.86 -19.62 23.52
N LEU C 32 25.02 -20.25 22.38
CA LEU C 32 26.28 -20.87 21.99
C LEU C 32 26.87 -20.04 20.86
N GLU C 33 27.74 -19.10 21.21
CA GLU C 33 28.36 -18.23 20.21
C GLU C 33 29.68 -18.85 19.77
N GLY C 34 30.09 -18.56 18.54
CA GLY C 34 31.39 -19.04 18.09
C GLY C 34 31.77 -18.69 16.67
N ILE C 35 32.81 -19.36 16.18
CA ILE C 35 33.26 -19.13 14.80
C ILE C 35 33.22 -20.41 13.96
N ILE C 36 32.73 -20.28 12.73
CA ILE C 36 32.71 -21.37 11.77
C ILE C 36 33.80 -21.10 10.73
N GLU C 37 34.60 -22.11 10.43
CA GLU C 37 35.69 -21.90 9.48
C GLU C 37 35.63 -22.90 8.32
N LEU C 38 35.98 -22.42 7.13
CA LEU C 38 35.96 -23.25 5.93
C LEU C 38 37.31 -23.86 5.62
N GLU C 39 37.38 -25.18 5.62
CA GLU C 39 38.59 -25.89 5.24
C GLU C 39 38.65 -26.00 3.72
N THR C 40 37.51 -25.85 3.07
CA THR C 40 37.41 -26.01 1.63
C THR C 40 36.71 -24.81 1.02
N GLY C 41 37.00 -24.52 -0.25
CA GLY C 41 36.30 -23.47 -0.97
C GLY C 41 34.82 -23.78 -1.10
N MET C 42 34.01 -22.75 -1.30
CA MET C 42 32.56 -22.90 -1.37
C MET C 42 31.94 -21.94 -2.37
N HIS C 43 31.17 -22.48 -3.32
CA HIS C 43 30.52 -21.64 -4.33
C HIS C 43 29.32 -20.91 -3.73
N ILE C 44 28.76 -19.96 -4.48
CA ILE C 44 27.64 -19.18 -4.00
C ILE C 44 26.44 -19.24 -4.95
N ASN C 58 23.02 -23.44 -2.07
CA ASN C 58 22.26 -23.89 -0.91
C ASN C 58 23.00 -23.68 0.43
N PRO C 59 24.28 -24.08 0.53
CA PRO C 59 24.94 -23.87 1.82
C PRO C 59 25.35 -22.41 2.05
N VAL C 60 26.03 -21.81 1.07
CA VAL C 60 26.45 -20.41 1.19
C VAL C 60 25.65 -19.49 0.26
N ILE C 61 24.99 -18.49 0.84
CA ILE C 61 24.15 -17.57 0.09
C ILE C 61 24.71 -16.14 0.18
N ARG C 62 24.35 -15.31 -0.78
CA ARG C 62 24.72 -13.90 -0.77
C ARG C 62 23.48 -13.05 -0.50
N ASP C 63 23.46 -12.43 0.68
CA ASP C 63 22.32 -11.62 1.14
C ASP C 63 21.84 -10.60 0.10
N ALA C 64 20.55 -10.26 0.20
CA ALA C 64 19.94 -9.24 -0.63
C ALA C 64 20.70 -7.91 -0.57
N PHE C 65 21.36 -7.66 0.57
CA PHE C 65 22.15 -6.45 0.76
C PHE C 65 23.59 -6.66 0.33
N GLY C 66 23.87 -7.84 -0.23
CA GLY C 66 25.19 -8.14 -0.74
C GLY C 66 26.10 -8.86 0.24
N ARG C 67 25.60 -9.10 1.45
CA ARG C 67 26.38 -9.75 2.50
C ARG C 67 26.47 -11.26 2.28
N ILE C 68 27.64 -11.84 2.53
CA ILE C 68 27.81 -13.28 2.38
C ILE C 68 27.49 -13.98 3.69
N LEU C 69 26.71 -15.06 3.63
CA LEU C 69 26.31 -15.73 4.86
C LEU C 69 25.93 -17.19 4.65
N ILE C 70 25.97 -17.96 5.73
CA ILE C 70 25.45 -19.32 5.73
C ILE C 70 24.11 -19.34 6.46
N PRO C 71 23.01 -19.55 5.72
CA PRO C 71 21.66 -19.55 6.28
C PRO C 71 21.51 -20.53 7.45
N GLY C 72 20.94 -20.03 8.54
CA GLY C 72 20.78 -20.80 9.76
C GLY C 72 20.03 -22.10 9.56
N SER C 73 19.04 -22.07 8.67
CA SER C 73 18.20 -23.24 8.47
C SER C 73 18.92 -24.31 7.63
N SER C 74 19.91 -23.88 6.86
CA SER C 74 20.76 -24.82 6.13
C SER C 74 21.64 -25.61 7.09
N LEU C 75 22.35 -24.87 7.93
CA LEU C 75 23.22 -25.42 8.96
C LEU C 75 22.44 -26.35 9.87
N LYS C 76 21.37 -25.81 10.44
CA LYS C 76 20.48 -26.56 11.30
C LYS C 76 19.89 -27.77 10.60
N GLY C 77 19.63 -27.64 9.31
CA GLY C 77 19.09 -28.73 8.51
C GLY C 77 20.04 -29.91 8.35
N LYS C 78 21.30 -29.60 8.08
CA LYS C 78 22.30 -30.65 7.91
C LYS C 78 22.55 -31.31 9.26
N ILE C 79 22.49 -30.51 10.32
CA ILE C 79 22.63 -31.05 11.66
C ILE C 79 21.46 -32.00 11.97
N ARG C 80 20.26 -31.64 11.51
CA ARG C 80 19.09 -32.52 11.65
C ARG C 80 19.35 -33.83 10.93
N ALA C 81 19.83 -33.73 9.70
CA ALA C 81 20.08 -34.90 8.86
C ALA C 81 21.04 -35.88 9.51
N LEU C 82 22.19 -35.38 9.95
CA LEU C 82 23.18 -36.24 10.57
C LEU C 82 22.72 -36.80 11.92
N LEU C 83 22.11 -35.94 12.73
CA LEU C 83 21.65 -36.32 14.06
C LEU C 83 20.50 -37.32 14.01
N GLU C 84 19.79 -37.35 12.88
CA GLU C 84 18.71 -38.31 12.69
C GLU C 84 19.23 -39.60 12.07
N ARG C 85 20.22 -39.46 11.19
CA ARG C 85 20.84 -40.63 10.57
C ARG C 85 21.54 -41.47 11.62
N LYS C 86 22.07 -40.81 12.65
CA LYS C 86 22.75 -41.55 13.71
C LYS C 86 21.73 -41.91 14.80
N ASP C 87 20.62 -42.49 14.36
CA ASP C 87 19.55 -42.94 15.25
C ASP C 87 18.57 -43.80 14.47
N GLY C 88 18.82 -43.94 13.17
CA GLY C 88 17.95 -44.72 12.30
C GLY C 88 16.59 -44.07 12.12
N LEU C 99 12.21 -35.47 4.27
CA LEU C 99 11.15 -35.28 5.25
C LEU C 99 11.63 -35.63 6.65
N PRO C 100 11.82 -34.60 7.50
CA PRO C 100 12.32 -34.79 8.86
C PRO C 100 11.28 -35.41 9.79
N HIS C 101 11.76 -35.93 10.92
CA HIS C 101 10.92 -36.58 11.91
C HIS C 101 9.79 -35.68 12.40
N ASP C 102 8.63 -36.25 12.71
CA ASP C 102 7.50 -35.45 13.17
C ASP C 102 6.63 -36.13 14.23
N CYS C 103 7.01 -35.93 15.50
CA CYS C 103 6.19 -36.39 16.63
C CYS C 103 6.52 -35.55 17.86
N GLY C 104 5.77 -35.75 18.93
CA GLY C 104 5.99 -35.01 20.16
C GLY C 104 7.23 -35.47 20.91
N GLU C 105 7.09 -36.60 21.60
CA GLU C 105 8.18 -37.17 22.39
C GLU C 105 9.25 -37.87 21.56
N CYS C 106 10.42 -37.25 21.45
CA CYS C 106 11.57 -37.80 20.73
C CYS C 106 12.78 -36.91 20.95
N GLU C 107 13.98 -37.51 20.91
CA GLU C 107 15.21 -36.77 21.14
C GLU C 107 15.40 -35.64 20.13
N ILE C 108 15.14 -35.92 18.85
CA ILE C 108 15.34 -34.95 17.79
C ILE C 108 14.21 -33.93 17.68
N CYS C 109 12.98 -34.38 17.89
CA CYS C 109 11.82 -33.52 17.71
C CYS C 109 11.56 -32.53 18.85
N LYS C 110 12.22 -32.74 19.99
CA LYS C 110 12.15 -31.76 21.06
C LYS C 110 13.15 -30.64 20.81
N ILE C 111 14.24 -30.97 20.14
CA ILE C 111 15.27 -29.99 19.82
C ILE C 111 14.86 -29.11 18.65
N PHE C 112 14.85 -29.67 17.45
CA PHE C 112 14.61 -28.89 16.24
C PHE C 112 13.13 -28.58 16.03
N GLY C 113 12.28 -29.28 16.76
CA GLY C 113 10.84 -29.15 16.58
C GLY C 113 10.37 -30.11 15.52
N PRO C 114 9.14 -30.63 15.66
CA PRO C 114 8.56 -31.55 14.69
C PRO C 114 8.30 -30.91 13.33
N HIS C 115 8.19 -31.73 12.30
CA HIS C 115 7.93 -31.27 10.94
C HIS C 115 6.59 -30.55 10.83
N ASP C 116 5.60 -31.02 11.57
CA ASP C 116 4.29 -30.38 11.58
C ASP C 116 4.04 -29.71 12.93
N SER C 117 3.40 -28.54 12.90
CA SER C 117 3.11 -27.80 14.13
C SER C 117 1.89 -28.37 14.88
N LYS C 118 1.20 -29.30 14.25
CA LYS C 118 0.05 -29.96 14.87
C LYS C 118 0.46 -31.03 15.87
N ASN C 119 1.76 -31.25 15.99
CA ASN C 119 2.28 -32.34 16.82
C ASN C 119 3.17 -31.89 17.98
N ILE C 120 3.38 -30.58 18.11
CA ILE C 120 4.20 -30.05 19.19
C ILE C 120 3.60 -30.32 20.58
N LYS C 121 4.30 -31.13 21.37
CA LYS C 121 3.92 -31.34 22.77
C LYS C 121 4.65 -30.36 23.66
N GLU C 122 5.95 -30.21 23.39
CA GLU C 122 6.81 -29.29 24.12
C GLU C 122 7.38 -28.26 23.15
N PRO C 123 7.54 -27.02 23.60
CA PRO C 123 8.02 -25.92 22.74
C PRO C 123 9.42 -26.19 22.17
N VAL C 124 9.69 -25.63 20.99
CA VAL C 124 10.98 -25.79 20.33
C VAL C 124 12.10 -25.15 21.15
N ARG C 125 13.22 -25.85 21.26
CA ARG C 125 14.29 -25.45 22.16
C ARG C 125 15.44 -24.76 21.45
N VAL C 126 15.65 -25.07 20.18
CA VAL C 126 16.82 -24.53 19.48
C VAL C 126 16.45 -23.62 18.31
N ILE C 127 17.20 -22.53 18.19
CA ILE C 127 17.11 -21.62 17.05
C ILE C 127 18.51 -21.31 16.54
N VAL C 128 18.77 -21.62 15.27
CA VAL C 128 20.10 -21.43 14.72
C VAL C 128 20.18 -20.17 13.86
N ARG C 129 20.83 -19.15 14.41
CA ARG C 129 21.03 -17.88 13.72
C ARG C 129 21.83 -18.02 12.41
N ASP C 130 21.56 -17.13 11.46
CA ASP C 130 22.31 -17.09 10.21
C ASP C 130 23.77 -16.72 10.47
N ALA C 131 24.69 -17.50 9.92
CA ALA C 131 26.12 -17.26 10.11
C ALA C 131 26.67 -16.31 9.04
N TYR C 132 26.91 -15.06 9.43
CA TYR C 132 27.42 -14.06 8.50
C TYR C 132 28.94 -14.09 8.40
N LEU C 133 29.45 -13.82 7.21
CA LEU C 133 30.89 -13.74 6.98
C LEU C 133 31.50 -12.56 7.72
N GLN C 134 32.61 -12.81 8.41
CA GLN C 134 33.33 -11.75 9.10
C GLN C 134 34.40 -11.18 8.18
N PRO C 135 34.69 -9.86 8.32
CA PRO C 135 35.57 -9.13 7.42
C PRO C 135 36.94 -9.77 7.22
N GLU C 136 37.85 -9.56 8.18
CA GLU C 136 39.22 -10.04 8.04
C GLU C 136 39.36 -11.47 8.56
N GLU C 169 31.92 -17.28 -9.03
CA GLU C 169 31.46 -17.06 -7.66
C GLU C 169 31.88 -18.20 -6.75
N ARG C 170 32.80 -17.91 -5.83
CA ARG C 170 33.18 -18.90 -4.82
C ARG C 170 33.85 -18.26 -3.61
N VAL C 171 33.61 -18.83 -2.43
CA VAL C 171 34.19 -18.34 -1.19
C VAL C 171 35.52 -19.06 -0.95
N VAL C 172 36.55 -18.30 -0.58
CA VAL C 172 37.86 -18.89 -0.39
C VAL C 172 37.87 -19.70 0.91
N ALA C 173 38.87 -20.55 1.08
CA ALA C 173 38.97 -21.36 2.29
C ALA C 173 39.65 -20.57 3.38
N GLY C 174 39.33 -20.90 4.64
CA GLY C 174 39.87 -20.16 5.77
C GLY C 174 38.96 -19.00 6.16
N SER C 175 37.89 -18.84 5.39
CA SER C 175 36.90 -17.78 5.67
C SER C 175 36.13 -18.11 6.93
N LYS C 176 35.83 -17.07 7.72
CA LYS C 176 35.16 -17.26 9.00
C LYS C 176 33.77 -16.64 9.03
N PHE C 177 32.81 -17.44 9.48
CA PHE C 177 31.43 -16.99 9.66
C PHE C 177 31.09 -17.03 11.14
N LYS C 178 30.73 -15.89 11.72
CA LYS C 178 30.41 -15.84 13.13
C LYS C 178 29.02 -16.44 13.36
N PHE C 179 28.95 -17.53 14.11
CA PHE C 179 27.67 -18.22 14.28
C PHE C 179 27.15 -18.17 15.71
N GLU C 180 25.83 -18.32 15.83
CA GLU C 180 25.17 -18.24 17.13
C GLU C 180 24.04 -19.27 17.17
N VAL C 181 23.95 -20.00 18.28
CA VAL C 181 22.89 -20.99 18.42
C VAL C 181 22.17 -20.77 19.74
N VAL C 182 20.87 -20.53 19.69
CA VAL C 182 20.11 -20.23 20.90
C VAL C 182 19.35 -21.45 21.42
N PHE C 183 19.58 -21.79 22.68
CA PHE C 183 18.88 -22.89 23.34
C PHE C 183 17.86 -22.41 24.35
N ASN C 184 16.61 -22.82 24.18
CA ASN C 184 15.55 -22.50 25.14
C ASN C 184 15.39 -23.60 26.18
N ILE C 185 15.85 -23.36 27.41
CA ILE C 185 15.74 -24.37 28.44
C ILE C 185 14.49 -24.17 29.31
N TYR C 186 13.63 -25.18 29.25
CA TYR C 186 12.35 -25.23 29.97
C TYR C 186 12.39 -26.24 31.11
N LYS C 187 13.08 -27.36 30.87
CA LYS C 187 13.19 -28.44 31.85
C LYS C 187 14.65 -28.73 32.18
N GLU C 188 14.89 -29.24 33.38
CA GLU C 188 16.26 -29.46 33.86
C GLU C 188 16.86 -30.73 33.27
N SER C 189 16.13 -31.37 32.36
CA SER C 189 16.65 -32.56 31.70
C SER C 189 17.02 -32.23 30.26
N ASP C 190 17.02 -30.95 29.92
CA ASP C 190 17.33 -30.54 28.55
C ASP C 190 18.82 -30.29 28.39
N LYS C 191 19.61 -30.75 29.34
CA LYS C 191 21.06 -30.67 29.23
C LYS C 191 21.50 -31.62 28.12
N GLU C 192 20.83 -32.76 28.05
CA GLU C 192 21.17 -33.81 27.08
C GLU C 192 20.67 -33.45 25.68
N LEU C 193 19.71 -32.53 25.60
CA LEU C 193 19.27 -32.01 24.32
C LEU C 193 20.36 -31.13 23.73
N ILE C 194 20.84 -30.19 24.54
CA ILE C 194 21.96 -29.33 24.16
C ILE C 194 23.17 -30.18 23.79
N LYS C 195 23.44 -31.19 24.61
CA LYS C 195 24.56 -32.10 24.36
C LYS C 195 24.38 -32.87 23.06
N LYS C 196 23.13 -33.20 22.74
CA LYS C 196 22.81 -33.91 21.51
C LYS C 196 23.04 -33.01 20.29
N PHE C 197 22.68 -31.74 20.43
CA PHE C 197 22.93 -30.79 19.36
C PHE C 197 24.42 -30.58 19.15
N ILE C 198 25.17 -30.44 20.24
CA ILE C 198 26.62 -30.26 20.13
C ILE C 198 27.28 -31.49 19.52
N GLU C 199 26.75 -32.66 19.84
CA GLU C 199 27.25 -33.90 19.25
C GLU C 199 26.91 -33.94 17.76
N GLY C 200 25.80 -33.29 17.41
CA GLY C 200 25.43 -33.13 16.02
C GLY C 200 26.44 -32.25 15.30
N MET C 201 26.84 -31.17 15.96
CA MET C 201 27.86 -30.27 15.44
C MET C 201 29.17 -31.00 15.24
N LYS C 202 29.46 -31.95 16.13
CA LYS C 202 30.68 -32.75 15.99
C LYS C 202 30.55 -33.68 14.80
N LEU C 203 29.35 -34.18 14.56
CA LEU C 203 29.11 -35.02 13.40
C LEU C 203 29.24 -34.24 12.10
N LEU C 204 28.87 -32.96 12.16
CA LEU C 204 28.97 -32.08 11.00
C LEU C 204 30.41 -31.64 10.74
N GLU C 205 31.17 -31.49 11.82
CA GLU C 205 32.57 -31.07 11.72
C GLU C 205 33.40 -32.04 10.88
N ASP C 206 33.02 -33.32 10.89
CA ASP C 206 33.78 -34.34 10.17
C ASP C 206 32.99 -34.92 9.00
N ASP C 207 32.01 -34.16 8.54
CA ASP C 207 31.30 -34.48 7.30
C ASP C 207 31.41 -33.27 6.37
N TYR C 208 30.30 -32.92 5.73
CA TYR C 208 30.27 -31.78 4.82
C TYR C 208 29.06 -30.89 5.07
N LEU C 209 29.27 -29.59 4.95
CA LEU C 209 28.19 -28.62 5.13
C LEU C 209 27.16 -28.74 4.01
N GLY C 210 27.59 -28.43 2.79
CA GLY C 210 26.73 -28.53 1.62
C GLY C 210 26.63 -29.95 1.09
N GLY C 211 25.53 -30.24 0.40
CA GLY C 211 25.31 -31.58 -0.12
C GLY C 211 24.59 -32.46 0.89
N SER C 212 24.38 -33.72 0.53
CA SER C 212 23.69 -34.65 1.41
C SER C 212 23.95 -36.11 1.04
N GLY C 213 23.98 -36.97 2.06
CA GLY C 213 24.07 -38.41 1.84
C GLY C 213 25.40 -38.91 1.31
N SER C 214 25.40 -39.31 0.05
CA SER C 214 26.56 -39.97 -0.57
C SER C 214 27.72 -39.02 -0.84
N ARG C 215 27.45 -37.91 -1.52
CA ARG C 215 28.50 -36.98 -1.89
C ARG C 215 28.20 -35.54 -1.46
N GLY C 216 28.74 -35.18 -0.30
CA GLY C 216 28.69 -33.82 0.20
C GLY C 216 29.92 -33.05 -0.24
N TYR C 217 29.91 -31.73 -0.02
CA TYR C 217 31.02 -30.89 -0.45
C TYR C 217 31.31 -29.76 0.54
N GLY C 218 32.55 -29.30 0.57
CA GLY C 218 32.96 -28.23 1.45
C GLY C 218 33.01 -28.66 2.90
N LYS C 219 34.22 -28.92 3.40
CA LYS C 219 34.38 -29.35 4.78
C LYS C 219 34.43 -28.13 5.70
N ILE C 220 34.10 -28.35 6.97
CA ILE C 220 33.90 -27.25 7.91
C ILE C 220 34.43 -27.63 9.29
N LYS C 221 34.97 -26.65 10.01
CA LYS C 221 35.47 -26.89 11.37
C LYS C 221 35.04 -25.80 12.33
N PHE C 222 34.44 -26.21 13.45
CA PHE C 222 34.04 -25.27 14.48
C PHE C 222 35.25 -24.85 15.32
N ARG C 223 35.31 -23.57 15.66
CA ARG C 223 36.47 -23.00 16.32
C ARG C 223 36.07 -21.79 17.14
N ASP C 224 36.72 -21.59 18.28
CA ASP C 224 36.44 -20.45 19.17
C ASP C 224 34.98 -20.42 19.53
N ILE C 225 34.64 -21.13 20.59
CA ILE C 225 33.25 -21.31 21.02
C ILE C 225 33.03 -20.92 22.47
N LYS C 226 32.17 -19.94 22.68
CA LYS C 226 31.80 -19.53 24.03
C LYS C 226 30.35 -19.88 24.33
N LEU C 227 30.08 -20.16 25.60
CA LEU C 227 28.72 -20.36 26.09
C LEU C 227 28.30 -19.20 26.98
N ILE C 228 27.08 -18.73 26.78
CA ILE C 228 26.53 -17.64 27.57
C ILE C 228 25.21 -18.10 28.19
N CYS C 229 25.05 -17.82 29.48
CA CYS C 229 23.83 -18.21 30.19
C CYS C 229 23.00 -17.00 30.60
N LYS C 230 21.79 -16.92 30.06
CA LYS C 230 20.83 -15.90 30.44
C LYS C 230 19.64 -16.55 31.13
N PRO C 231 19.73 -16.71 32.46
CA PRO C 231 18.65 -17.33 33.23
C PRO C 231 17.45 -16.41 33.33
N LYS C 232 16.30 -16.95 33.70
CA LYS C 232 15.08 -16.17 33.88
C LYS C 232 15.30 -14.95 34.78
N GLU C 233 16.26 -15.07 35.70
CA GLU C 233 16.55 -14.01 36.66
C GLU C 233 17.30 -12.85 36.00
N TYR C 234 17.92 -13.11 34.85
CA TYR C 234 18.64 -12.09 34.11
C TYR C 234 17.69 -11.11 33.44
N TYR C 235 16.66 -11.65 32.78
CA TYR C 235 15.68 -10.81 32.10
C TYR C 235 14.85 -10.05 33.12
N GLU C 236 14.68 -10.62 34.30
CA GLU C 236 13.88 -10.01 35.35
C GLU C 236 14.57 -8.82 36.02
N GLY C 237 15.83 -8.57 35.67
CA GLY C 237 16.52 -7.40 36.15
C GLY C 237 17.91 -7.63 36.72
N ASN C 238 18.22 -8.87 37.06
CA ASN C 238 19.54 -9.17 37.62
C ASN C 238 20.59 -9.26 36.52
N GLU C 239 21.43 -8.25 36.39
CA GLU C 239 22.39 -8.18 35.29
C GLU C 239 23.50 -9.21 35.52
N ASN C 240 23.93 -9.38 36.76
CA ASN C 240 25.09 -10.22 37.05
C ASN C 240 24.77 -11.71 37.02
N SER C 241 23.48 -12.05 36.94
CA SER C 241 23.06 -13.43 36.84
C SER C 241 23.43 -14.00 35.47
N LYS C 242 23.71 -13.11 34.52
CA LYS C 242 24.19 -13.51 33.22
C LYS C 242 25.67 -13.89 33.30
N LYS C 243 25.96 -15.17 33.17
CA LYS C 243 27.33 -15.65 33.20
C LYS C 243 27.80 -16.08 31.83
N GLU C 244 29.11 -15.97 31.61
CA GLU C 244 29.69 -16.26 30.30
C GLU C 244 30.96 -17.10 30.46
N SER C 245 30.99 -18.27 29.85
CA SER C 245 32.18 -19.12 29.87
C SER C 245 33.26 -18.52 28.99
N ASP C 246 34.48 -19.05 29.09
CA ASP C 246 35.56 -18.49 28.29
C ASP C 246 35.71 -19.31 27.01
N GLU C 247 36.40 -18.74 26.04
CA GLU C 247 36.43 -19.34 24.70
C GLU C 247 37.25 -20.62 24.66
N VAL C 248 36.65 -21.67 24.13
CA VAL C 248 37.33 -22.95 23.93
C VAL C 248 37.63 -23.14 22.45
N GLU C 249 38.67 -23.91 22.14
CA GLU C 249 39.12 -24.07 20.76
C GLU C 249 38.34 -25.14 19.97
N SER C 250 37.66 -26.03 20.67
CA SER C 250 36.89 -27.07 19.98
C SER C 250 35.62 -27.48 20.72
N LEU C 251 34.77 -28.25 20.05
CA LEU C 251 33.49 -28.69 20.61
C LEU C 251 33.68 -29.64 21.79
N ASN C 252 34.74 -30.44 21.75
CA ASN C 252 35.00 -31.44 22.78
C ASN C 252 35.14 -30.82 24.15
N GLU C 253 35.61 -29.58 24.19
CA GLU C 253 35.84 -28.86 25.44
C GLU C 253 34.57 -28.19 25.96
N LEU C 254 33.50 -28.25 25.18
CA LEU C 254 32.23 -27.64 25.57
C LEU C 254 31.52 -28.40 26.69
N GLU C 255 31.58 -29.74 26.65
CA GLU C 255 30.79 -30.55 27.57
C GLU C 255 31.15 -30.28 29.03
N SER C 256 32.40 -29.94 29.28
CA SER C 256 32.82 -29.51 30.61
C SER C 256 32.26 -28.13 30.91
N GLU C 257 32.48 -27.21 29.97
CA GLU C 257 32.07 -25.82 30.14
C GLU C 257 30.55 -25.71 30.25
N LEU C 258 29.85 -26.68 29.68
CA LEU C 258 28.41 -26.81 29.82
C LEU C 258 28.02 -27.09 31.27
N ASP C 259 28.70 -28.06 31.88
CA ASP C 259 28.38 -28.47 33.25
C ASP C 259 28.72 -27.38 34.27
N LYS C 260 29.69 -26.55 33.93
CA LYS C 260 30.13 -25.49 34.82
C LYS C 260 29.17 -24.30 34.76
N ILE C 261 28.07 -24.48 34.02
CA ILE C 261 27.06 -23.44 33.85
C ILE C 261 25.66 -24.04 33.88
N TRP C 262 24.99 -23.94 35.02
CA TRP C 262 23.64 -24.46 35.14
C TRP C 262 22.87 -23.74 36.26
N GLY C 263 22.23 -22.63 35.92
CA GLY C 263 21.45 -21.85 36.86
C GLY C 263 19.97 -21.80 36.50
N GLY C 264 19.13 -21.91 37.51
CA GLY C 264 17.68 -21.89 37.31
C GLY C 264 16.91 -22.43 38.50
N LEU D 24 -38.03 7.33 -12.05
CA LEU D 24 -37.83 8.46 -12.95
C LEU D 24 -36.77 8.14 -14.00
N THR D 25 -37.22 7.69 -15.17
CA THR D 25 -36.33 7.30 -16.26
C THR D 25 -35.58 8.52 -16.81
N LEU D 26 -34.44 8.28 -17.47
CA LEU D 26 -33.68 9.35 -18.09
C LEU D 26 -33.99 9.39 -19.56
N LYS D 27 -34.42 10.55 -20.06
CA LYS D 27 -34.83 10.67 -21.44
C LYS D 27 -33.69 11.09 -22.36
N GLY D 28 -32.78 11.91 -21.85
CA GLY D 28 -31.63 12.29 -22.65
C GLY D 28 -30.64 13.25 -22.03
N LYS D 29 -29.57 13.54 -22.76
CA LYS D 29 -28.62 14.56 -22.36
C LYS D 29 -28.58 15.70 -23.36
N VAL D 30 -28.50 16.92 -22.86
CA VAL D 30 -28.37 18.10 -23.69
C VAL D 30 -27.10 18.85 -23.31
N ILE D 31 -26.08 18.74 -24.14
CA ILE D 31 -24.80 19.38 -23.86
C ILE D 31 -24.78 20.79 -24.46
N LEU D 32 -24.40 21.75 -23.64
CA LEU D 32 -24.28 23.14 -24.04
C LEU D 32 -22.79 23.47 -24.07
N GLU D 33 -22.19 23.34 -25.24
CA GLU D 33 -20.76 23.59 -25.42
C GLU D 33 -20.57 25.03 -25.85
N GLY D 34 -19.43 25.63 -25.54
CA GLY D 34 -19.17 26.97 -26.01
C GLY D 34 -17.85 27.61 -25.61
N ILE D 35 -17.76 28.92 -25.82
CA ILE D 35 -16.55 29.66 -25.46
C ILE D 35 -16.86 30.82 -24.50
N ILE D 36 -16.04 30.95 -23.46
CA ILE D 36 -16.13 32.05 -22.50
C ILE D 36 -14.98 33.03 -22.74
N GLU D 37 -15.28 34.33 -22.70
CA GLU D 37 -14.27 35.34 -22.98
C GLU D 37 -14.08 36.30 -21.81
N LEU D 38 -12.82 36.68 -21.58
CA LEU D 38 -12.49 37.61 -20.49
C LEU D 38 -12.35 39.02 -21.03
N GLU D 39 -13.21 39.92 -20.57
CA GLU D 39 -13.12 41.32 -20.93
C GLU D 39 -12.10 42.04 -20.07
N THR D 40 -11.80 41.46 -18.91
CA THR D 40 -10.92 42.09 -17.93
C THR D 40 -9.83 41.11 -17.50
N GLY D 41 -8.69 41.64 -17.07
CA GLY D 41 -7.64 40.81 -16.51
C GLY D 41 -8.11 40.09 -15.26
N MET D 42 -7.46 38.98 -14.93
CA MET D 42 -7.88 38.14 -13.81
C MET D 42 -6.67 37.51 -13.11
N HIS D 43 -6.58 37.70 -11.80
CA HIS D 43 -5.45 37.17 -11.02
C HIS D 43 -5.55 35.65 -10.86
N ILE D 44 -4.46 35.04 -10.39
CA ILE D 44 -4.40 33.60 -10.19
C ILE D 44 -3.95 33.26 -8.77
N PRO D 59 -10.89 32.96 -8.75
CA PRO D 59 -11.67 32.91 -9.98
C PRO D 59 -11.00 32.10 -11.08
N VAL D 60 -9.74 32.41 -11.37
CA VAL D 60 -8.96 31.67 -12.34
C VAL D 60 -7.88 30.87 -11.62
N ILE D 61 -7.89 29.56 -11.80
CA ILE D 61 -6.97 28.68 -11.10
C ILE D 61 -6.01 27.98 -12.05
N ARG D 62 -4.88 27.54 -11.52
CA ARG D 62 -3.91 26.79 -12.30
C ARG D 62 -3.84 25.33 -11.82
N ASP D 63 -4.29 24.42 -12.68
CA ASP D 63 -4.35 22.99 -12.42
C ASP D 63 -3.04 22.44 -11.85
N ALA D 64 -3.15 21.34 -11.11
CA ALA D 64 -2.00 20.62 -10.57
C ALA D 64 -0.96 20.28 -11.65
N PHE D 65 -1.42 20.10 -12.88
CA PHE D 65 -0.53 19.81 -13.99
C PHE D 65 -0.04 21.09 -14.66
N GLY D 66 -0.42 22.23 -14.09
CA GLY D 66 0.04 23.52 -14.57
C GLY D 66 -0.88 24.22 -15.55
N ARG D 67 -1.98 23.57 -15.93
CA ARG D 67 -2.92 24.16 -16.88
C ARG D 67 -3.83 25.19 -16.23
N ILE D 68 -4.10 26.27 -16.95
CA ILE D 68 -4.96 27.34 -16.46
C ILE D 68 -6.41 27.03 -16.81
N LEU D 69 -7.31 27.19 -15.85
CA LEU D 69 -8.70 26.85 -16.06
C LEU D 69 -9.63 27.59 -15.10
N ILE D 70 -10.90 27.67 -15.47
CA ILE D 70 -11.92 28.18 -14.57
C ILE D 70 -12.71 26.99 -14.03
N PRO D 71 -12.58 26.70 -12.72
CA PRO D 71 -13.24 25.57 -12.08
C PRO D 71 -14.76 25.58 -12.28
N GLY D 72 -15.30 24.44 -12.70
CA GLY D 72 -16.72 24.31 -12.99
C GLY D 72 -17.65 24.64 -11.85
N SER D 73 -17.25 24.30 -10.63
CA SER D 73 -18.11 24.49 -9.47
C SER D 73 -18.11 25.97 -9.05
N SER D 74 -17.05 26.68 -9.40
CA SER D 74 -16.99 28.11 -9.18
C SER D 74 -17.97 28.83 -10.11
N LEU D 75 -17.87 28.51 -11.40
CA LEU D 75 -18.77 29.06 -12.42
C LEU D 75 -20.24 28.75 -12.08
N LYS D 76 -20.54 27.48 -11.87
CA LYS D 76 -21.89 27.06 -11.48
C LYS D 76 -22.30 27.76 -10.19
N GLY D 77 -21.34 28.00 -9.31
CA GLY D 77 -21.61 28.67 -8.06
C GLY D 77 -22.07 30.11 -8.25
N LYS D 78 -21.38 30.85 -9.13
CA LYS D 78 -21.75 32.23 -9.37
C LYS D 78 -23.05 32.35 -10.18
N ILE D 79 -23.26 31.45 -11.13
CA ILE D 79 -24.50 31.46 -11.91
C ILE D 79 -25.70 31.12 -11.02
N ARG D 80 -25.50 30.14 -10.14
CA ARG D 80 -26.51 29.76 -9.16
C ARG D 80 -26.81 30.93 -8.21
N ALA D 81 -25.75 31.56 -7.73
CA ALA D 81 -25.87 32.69 -6.80
C ALA D 81 -26.68 33.84 -7.42
N LEU D 82 -26.33 34.21 -8.65
CA LEU D 82 -27.05 35.28 -9.35
C LEU D 82 -28.49 34.88 -9.63
N LEU D 83 -28.69 33.62 -10.00
CA LEU D 83 -30.03 33.10 -10.27
C LEU D 83 -30.85 33.05 -8.99
N GLU D 84 -30.16 33.11 -7.85
CA GLU D 84 -30.81 33.14 -6.54
C GLU D 84 -31.12 34.58 -6.15
N ARG D 85 -30.27 35.52 -6.56
CA ARG D 85 -30.50 36.93 -6.28
C ARG D 85 -31.78 37.42 -6.96
N LYS D 86 -32.06 36.90 -8.15
CA LYS D 86 -33.25 37.27 -8.89
C LYS D 86 -34.39 36.29 -8.57
N ASP D 87 -34.60 36.05 -7.28
CA ASP D 87 -35.66 35.16 -6.80
C ASP D 87 -35.71 35.15 -5.27
N GLY D 88 -34.66 35.72 -4.66
CA GLY D 88 -34.55 35.77 -3.21
C GLY D 88 -34.38 34.41 -2.56
N PRO D 100 -26.00 28.35 -0.30
CA PRO D 100 -27.11 28.39 -1.25
C PRO D 100 -28.32 27.57 -0.82
N HIS D 101 -29.46 27.81 -1.45
CA HIS D 101 -30.71 27.14 -1.11
C HIS D 101 -30.62 25.62 -1.16
N ASP D 102 -31.37 24.96 -0.27
CA ASP D 102 -31.36 23.50 -0.19
C ASP D 102 -32.74 22.92 0.13
N CYS D 103 -33.50 22.59 -0.91
CA CYS D 103 -34.78 21.92 -0.73
C CYS D 103 -35.17 21.09 -1.95
N GLY D 104 -36.24 20.32 -1.82
CA GLY D 104 -36.72 19.48 -2.90
C GLY D 104 -37.39 20.23 -4.03
N GLU D 105 -38.63 20.64 -3.80
CA GLU D 105 -39.39 21.34 -4.83
C GLU D 105 -38.93 22.79 -5.01
N CYS D 106 -38.24 23.03 -6.12
CA CYS D 106 -37.78 24.37 -6.49
C CYS D 106 -37.18 24.31 -7.90
N GLU D 107 -37.31 25.40 -8.64
CA GLU D 107 -36.80 25.46 -10.00
C GLU D 107 -35.28 25.30 -10.06
N ILE D 108 -34.57 26.01 -9.18
CA ILE D 108 -33.11 25.98 -9.19
C ILE D 108 -32.52 24.75 -8.49
N CYS D 109 -33.18 24.28 -7.43
CA CYS D 109 -32.64 23.20 -6.63
C CYS D 109 -32.79 21.83 -7.30
N LYS D 110 -33.62 21.77 -8.33
CA LYS D 110 -33.68 20.57 -9.15
C LYS D 110 -32.61 20.62 -10.23
N ILE D 111 -32.26 21.85 -10.63
CA ILE D 111 -31.19 22.06 -11.62
C ILE D 111 -29.81 21.89 -10.98
N PHE D 112 -29.44 22.87 -10.16
CA PHE D 112 -28.09 22.92 -9.59
C PHE D 112 -27.94 21.96 -8.42
N GLY D 113 -29.06 21.48 -7.89
CA GLY D 113 -29.05 20.62 -6.74
C GLY D 113 -29.05 21.39 -5.44
N PRO D 114 -29.69 20.84 -4.40
CA PRO D 114 -29.72 21.47 -3.08
C PRO D 114 -28.32 21.50 -2.46
N HIS D 115 -28.10 22.37 -1.48
CA HIS D 115 -26.78 22.47 -0.86
C HIS D 115 -26.38 21.15 -0.22
N ASP D 116 -27.33 20.50 0.45
CA ASP D 116 -27.11 19.18 1.00
C ASP D 116 -28.03 18.17 0.33
N SER D 117 -27.58 16.93 0.23
CA SER D 117 -28.35 15.86 -0.37
C SER D 117 -29.48 15.39 0.55
N LYS D 118 -29.61 16.01 1.71
CA LYS D 118 -30.63 15.63 2.68
C LYS D 118 -32.04 16.00 2.23
N ASN D 119 -32.16 16.73 1.13
CA ASN D 119 -33.47 17.18 0.65
C ASN D 119 -33.81 16.70 -0.77
N ILE D 120 -32.90 15.96 -1.38
CA ILE D 120 -33.13 15.42 -2.72
C ILE D 120 -34.30 14.45 -2.75
N PRO D 123 -33.41 14.26 -8.94
CA PRO D 123 -32.00 14.12 -9.28
C PRO D 123 -31.40 15.42 -9.81
N VAL D 124 -30.11 15.62 -9.60
CA VAL D 124 -29.42 16.82 -10.07
C VAL D 124 -29.43 16.85 -11.60
N ARG D 125 -29.72 18.02 -12.16
CA ARG D 125 -29.96 18.13 -13.59
C ARG D 125 -28.78 18.74 -14.36
N VAL D 126 -27.98 19.58 -13.70
CA VAL D 126 -26.91 20.29 -14.39
C VAL D 126 -25.53 19.93 -13.85
N ILE D 127 -24.58 19.77 -14.77
CA ILE D 127 -23.19 19.56 -14.41
C ILE D 127 -22.28 20.49 -15.21
N VAL D 128 -21.51 21.32 -14.52
CA VAL D 128 -20.68 22.31 -15.21
C VAL D 128 -19.22 21.89 -15.28
N ARG D 129 -18.78 21.46 -16.46
CA ARG D 129 -17.40 21.04 -16.70
C ARG D 129 -16.42 22.18 -16.44
N ASP D 130 -15.19 21.81 -16.08
CA ASP D 130 -14.12 22.78 -15.91
C ASP D 130 -13.81 23.48 -17.23
N ALA D 131 -13.78 24.80 -17.21
CA ALA D 131 -13.50 25.56 -18.42
C ALA D 131 -12.00 25.81 -18.54
N TYR D 132 -11.35 25.06 -19.43
CA TYR D 132 -9.91 25.19 -19.64
C TYR D 132 -9.61 26.28 -20.65
N LEU D 133 -8.52 27.01 -20.42
CA LEU D 133 -8.06 28.04 -21.34
C LEU D 133 -7.55 27.41 -22.63
N GLN D 134 -8.06 27.90 -23.77
CA GLN D 134 -7.59 27.43 -25.06
C GLN D 134 -6.48 28.32 -25.62
N PRO D 135 -5.53 27.72 -26.34
CA PRO D 135 -4.32 28.41 -26.81
C PRO D 135 -4.61 29.63 -27.69
N GLU D 136 -4.84 29.40 -28.97
CA GLU D 136 -5.02 30.48 -29.94
C GLU D 136 -6.48 30.92 -29.99
N ARG D 170 -1.06 36.72 -13.90
CA ARG D 170 -2.49 36.87 -14.15
C ARG D 170 -2.80 36.77 -15.64
N VAL D 171 -4.02 36.34 -15.96
CA VAL D 171 -4.44 36.11 -17.34
C VAL D 171 -4.93 37.38 -18.03
N VAL D 172 -4.49 37.58 -19.26
CA VAL D 172 -4.81 38.76 -20.05
C VAL D 172 -6.25 38.75 -20.55
N ALA D 173 -6.72 39.90 -21.02
CA ALA D 173 -8.08 40.02 -21.51
C ALA D 173 -8.18 39.54 -22.95
N GLY D 174 -9.37 39.04 -23.32
CA GLY D 174 -9.58 38.47 -24.64
C GLY D 174 -9.29 36.99 -24.65
N SER D 175 -8.86 36.47 -23.50
CA SER D 175 -8.55 35.06 -23.34
C SER D 175 -9.82 34.20 -23.40
N LYS D 176 -9.71 33.03 -24.01
CA LYS D 176 -10.87 32.17 -24.23
C LYS D 176 -10.79 30.84 -23.48
N PHE D 177 -11.87 30.50 -22.78
CA PHE D 177 -11.99 29.24 -22.07
C PHE D 177 -13.11 28.40 -22.67
N LYS D 178 -12.78 27.20 -23.15
CA LYS D 178 -13.82 26.33 -23.72
C LYS D 178 -14.64 25.72 -22.58
N PHE D 179 -15.92 26.05 -22.54
CA PHE D 179 -16.76 25.57 -21.45
C PHE D 179 -17.81 24.59 -21.95
N GLU D 180 -18.28 23.76 -21.03
CA GLU D 180 -19.27 22.73 -21.35
C GLU D 180 -20.25 22.57 -20.20
N VAL D 181 -21.54 22.53 -20.52
CA VAL D 181 -22.55 22.35 -19.49
C VAL D 181 -23.49 21.21 -19.85
N VAL D 182 -23.56 20.19 -19.01
CA VAL D 182 -24.37 19.03 -19.32
C VAL D 182 -25.71 19.09 -18.62
N PHE D 183 -26.79 18.98 -19.39
CA PHE D 183 -28.14 18.96 -18.84
C PHE D 183 -28.72 17.56 -18.91
N ASN D 184 -29.11 17.00 -17.76
CA ASN D 184 -29.75 15.70 -17.73
C ASN D 184 -31.27 15.85 -17.77
N ILE D 185 -31.87 15.56 -18.92
CA ILE D 185 -33.32 15.69 -19.05
C ILE D 185 -34.04 14.36 -18.81
N TYR D 186 -34.89 14.38 -17.78
CA TYR D 186 -35.65 13.21 -17.34
C TYR D 186 -37.09 13.37 -17.79
N LYS D 187 -37.57 14.60 -17.74
CA LYS D 187 -38.93 14.92 -18.19
C LYS D 187 -38.85 15.95 -19.30
N GLU D 188 -39.82 15.89 -20.21
CA GLU D 188 -39.80 16.71 -21.41
C GLU D 188 -40.33 18.13 -21.17
N SER D 189 -40.58 18.44 -19.90
CA SER D 189 -41.06 19.76 -19.49
C SER D 189 -39.95 20.60 -18.86
N ASP D 190 -38.71 20.14 -19.02
CA ASP D 190 -37.56 20.81 -18.42
C ASP D 190 -36.96 21.89 -19.32
N LYS D 191 -37.75 22.39 -20.26
CA LYS D 191 -37.31 23.47 -21.13
C LYS D 191 -37.06 24.76 -20.34
N GLU D 192 -37.91 25.01 -19.36
CA GLU D 192 -37.82 26.24 -18.58
C GLU D 192 -36.67 26.20 -17.60
N LEU D 193 -36.20 24.99 -17.28
CA LEU D 193 -35.03 24.82 -16.44
C LEU D 193 -33.77 25.24 -17.19
N ILE D 194 -33.58 24.67 -18.38
CA ILE D 194 -32.48 25.04 -19.27
C ILE D 194 -32.52 26.53 -19.58
N LYS D 195 -33.72 27.03 -19.88
CA LYS D 195 -33.91 28.44 -20.21
C LYS D 195 -33.56 29.32 -19.02
N LYS D 196 -33.87 28.85 -17.82
CA LYS D 196 -33.53 29.59 -16.61
C LYS D 196 -32.02 29.61 -16.39
N PHE D 197 -31.37 28.50 -16.74
CA PHE D 197 -29.92 28.42 -16.65
C PHE D 197 -29.27 29.40 -17.62
N ILE D 198 -29.79 29.47 -18.83
CA ILE D 198 -29.28 30.40 -19.83
C ILE D 198 -29.53 31.85 -19.40
N GLU D 199 -30.64 32.08 -18.72
CA GLU D 199 -30.92 33.41 -18.17
C GLU D 199 -29.96 33.74 -17.04
N GLY D 200 -29.52 32.70 -16.32
CA GLY D 200 -28.49 32.86 -15.31
C GLY D 200 -27.16 33.25 -15.94
N MET D 201 -26.85 32.58 -17.05
CA MET D 201 -25.66 32.88 -17.84
C MET D 201 -25.70 34.32 -18.34
N LYS D 202 -26.91 34.78 -18.70
CA LYS D 202 -27.10 36.13 -19.18
C LYS D 202 -26.97 37.14 -18.04
N LEU D 203 -27.39 36.73 -16.85
CA LEU D 203 -27.25 37.56 -15.65
C LEU D 203 -25.78 37.69 -15.30
N LEU D 204 -25.01 36.65 -15.61
CA LEU D 204 -23.58 36.65 -15.39
C LEU D 204 -22.86 37.47 -16.46
N GLU D 205 -23.44 37.51 -17.65
CA GLU D 205 -22.88 38.22 -18.80
C GLU D 205 -22.61 39.70 -18.53
N ASP D 206 -23.46 40.32 -17.70
CA ASP D 206 -23.31 41.74 -17.40
C ASP D 206 -23.02 41.95 -15.91
N ASP D 207 -22.50 40.93 -15.26
CA ASP D 207 -22.05 41.07 -13.88
C ASP D 207 -20.57 40.72 -13.78
N TYR D 208 -20.19 39.97 -12.75
CA TYR D 208 -18.78 39.62 -12.57
C TYR D 208 -18.59 38.14 -12.24
N LEU D 209 -17.51 37.56 -12.77
CA LEU D 209 -17.18 36.17 -12.49
C LEU D 209 -16.77 36.00 -11.04
N GLY D 210 -15.66 36.63 -10.65
CA GLY D 210 -15.17 36.55 -9.29
C GLY D 210 -15.88 37.51 -8.36
N GLY D 216 -17.97 42.97 -7.25
CA GLY D 216 -17.40 41.97 -8.13
C GLY D 216 -16.32 42.54 -9.04
N TYR D 217 -15.59 41.64 -9.71
CA TYR D 217 -14.50 42.04 -10.59
C TYR D 217 -14.37 41.12 -11.80
N GLY D 218 -13.83 41.65 -12.89
CA GLY D 218 -13.62 40.89 -14.11
C GLY D 218 -14.90 40.58 -14.86
N LYS D 219 -15.12 41.30 -15.96
CA LYS D 219 -16.32 41.10 -16.77
C LYS D 219 -16.10 39.97 -17.77
N ILE D 220 -17.20 39.37 -18.22
CA ILE D 220 -17.14 38.15 -19.02
C ILE D 220 -18.23 38.15 -20.10
N LYS D 221 -17.90 37.59 -21.27
CA LYS D 221 -18.85 37.51 -22.37
C LYS D 221 -18.87 36.12 -23.00
N PHE D 222 -20.06 35.54 -23.11
CA PHE D 222 -20.22 34.26 -23.80
C PHE D 222 -20.21 34.45 -25.30
N ARG D 223 -19.58 33.51 -25.99
CA ARG D 223 -19.35 33.62 -27.43
C ARG D 223 -19.21 32.23 -28.01
N ASP D 224 -19.71 32.03 -29.23
CA ASP D 224 -19.64 30.73 -29.92
C ASP D 224 -20.20 29.60 -29.05
N ILE D 225 -21.49 29.34 -29.22
CA ILE D 225 -22.20 28.37 -28.40
C ILE D 225 -22.95 27.32 -29.23
N LYS D 226 -22.61 26.04 -29.02
CA LYS D 226 -23.30 24.95 -29.68
C LYS D 226 -24.19 24.17 -28.73
N LEU D 227 -25.30 23.67 -29.26
CA LEU D 227 -26.16 22.75 -28.51
C LEU D 227 -26.07 21.37 -29.14
N ILE D 228 -25.92 20.35 -28.31
CA ILE D 228 -25.86 18.98 -28.78
C ILE D 228 -26.89 18.13 -28.05
N CYS D 229 -27.62 17.32 -28.81
CA CYS D 229 -28.63 16.45 -28.21
C CYS D 229 -28.24 14.99 -28.34
N LYS D 230 -28.05 14.35 -27.18
CA LYS D 230 -27.81 12.92 -27.12
C LYS D 230 -28.99 12.26 -26.43
N PRO D 231 -30.03 11.92 -27.20
CA PRO D 231 -31.24 11.28 -26.65
C PRO D 231 -30.96 9.85 -26.22
N LYS D 232 -31.86 9.28 -25.43
CA LYS D 232 -31.74 7.89 -24.97
C LYS D 232 -31.51 6.92 -26.12
N GLU D 233 -31.99 7.27 -27.30
CA GLU D 233 -31.86 6.40 -28.48
C GLU D 233 -30.44 6.40 -29.02
N TYR D 234 -29.66 7.43 -28.68
CA TYR D 234 -28.29 7.51 -29.16
C TYR D 234 -27.39 6.50 -28.44
N TYR D 235 -27.53 6.44 -27.12
CA TYR D 235 -26.75 5.51 -26.32
C TYR D 235 -27.14 4.07 -26.61
N GLU D 236 -28.40 3.87 -27.01
CA GLU D 236 -28.92 2.54 -27.29
C GLU D 236 -28.39 1.96 -28.60
N GLY D 237 -27.65 2.77 -29.36
CA GLY D 237 -27.00 2.30 -30.57
C GLY D 237 -27.19 3.17 -31.80
N ASN D 238 -28.19 4.05 -31.77
CA ASN D 238 -28.51 4.91 -32.91
C ASN D 238 -27.60 6.13 -33.03
N GLU D 239 -26.71 6.12 -34.01
CA GLU D 239 -25.75 7.22 -34.20
C GLU D 239 -26.39 8.50 -34.69
N ASN D 240 -27.37 8.39 -35.59
CA ASN D 240 -27.92 9.57 -36.25
C ASN D 240 -28.90 10.34 -35.38
N SER D 241 -29.30 9.77 -34.24
CA SER D 241 -30.21 10.45 -33.33
C SER D 241 -29.54 11.63 -32.65
N LYS D 242 -28.21 11.63 -32.61
CA LYS D 242 -27.48 12.79 -32.10
C LYS D 242 -27.37 13.88 -33.15
N LYS D 243 -28.13 14.96 -32.99
CA LYS D 243 -28.05 16.08 -33.90
C LYS D 243 -27.40 17.26 -33.18
N GLU D 244 -26.73 18.12 -33.94
CA GLU D 244 -25.98 19.23 -33.34
C GLU D 244 -26.24 20.53 -34.09
N SER D 245 -26.75 21.53 -33.37
CA SER D 245 -26.97 22.85 -33.95
C SER D 245 -25.64 23.57 -34.18
N ASP D 246 -25.67 24.65 -34.94
CA ASP D 246 -24.45 25.38 -35.26
C ASP D 246 -24.28 26.57 -34.32
N GLU D 247 -23.10 27.17 -34.37
CA GLU D 247 -22.68 28.19 -33.39
C GLU D 247 -23.47 29.48 -33.50
N VAL D 248 -23.97 29.95 -32.36
CA VAL D 248 -24.63 31.23 -32.28
C VAL D 248 -23.68 32.23 -31.62
N GLU D 249 -23.85 33.52 -31.93
CA GLU D 249 -22.90 34.53 -31.48
C GLU D 249 -23.17 34.98 -30.05
N SER D 250 -24.39 34.77 -29.57
CA SER D 250 -24.76 35.16 -28.21
C SER D 250 -25.82 34.24 -27.61
N LEU D 251 -26.07 34.42 -26.32
CA LEU D 251 -27.03 33.61 -25.58
C LEU D 251 -28.46 33.83 -26.08
N ASN D 252 -28.73 35.04 -26.55
CA ASN D 252 -30.07 35.43 -26.97
C ASN D 252 -30.62 34.55 -28.07
N GLU D 253 -29.74 34.05 -28.93
CA GLU D 253 -30.17 33.21 -30.06
C GLU D 253 -30.26 31.73 -29.70
N LEU D 254 -29.88 31.37 -28.47
CA LEU D 254 -29.92 29.97 -28.04
C LEU D 254 -31.34 29.47 -27.84
N GLU D 255 -32.19 30.32 -27.28
CA GLU D 255 -33.52 29.95 -26.84
C GLU D 255 -34.39 29.43 -27.99
N SER D 256 -34.11 29.92 -29.20
CA SER D 256 -34.75 29.41 -30.39
C SER D 256 -34.22 28.02 -30.74
N GLU D 257 -32.89 27.90 -30.80
CA GLU D 257 -32.25 26.65 -31.21
C GLU D 257 -32.54 25.52 -30.23
N LEU D 258 -32.90 25.88 -29.00
CA LEU D 258 -33.36 24.90 -28.02
C LEU D 258 -34.62 24.21 -28.52
N ASP D 259 -35.57 25.02 -28.98
CA ASP D 259 -36.86 24.51 -29.43
C ASP D 259 -36.73 23.70 -30.71
N LYS D 260 -35.72 24.02 -31.52
CA LYS D 260 -35.52 23.34 -32.80
C LYS D 260 -34.83 22.00 -32.64
N ILE D 261 -34.64 21.56 -31.40
CA ILE D 261 -33.96 20.30 -31.11
C ILE D 261 -34.64 19.56 -29.97
N TRP D 262 -35.46 18.57 -30.31
CA TRP D 262 -36.19 17.77 -29.33
C TRP D 262 -36.48 16.38 -29.88
ZN ZN E . 10.41 -37.60 16.91
ZN ZN F . -35.12 25.57 -3.24
#